data_1BYE
#
_entry.id   1BYE
#
_cell.length_a   169.610
_cell.length_b   60.280
_cell.length_c   121.430
_cell.angle_alpha   90.00
_cell.angle_beta   126.22
_cell.angle_gamma   90.00
#
_symmetry.space_group_name_H-M   'C 1 2 1'
#
loop_
_entity.id
_entity.type
_entity.pdbx_description
1 polymer 'PROTEIN (GLUTATHIONE S-TRANSFERASE)'
2 non-polymer 'ATRAZINE GLUTATHIONE CONJUGATE'
3 water water
#
_entity_poly.entity_id   1
_entity_poly.type   'polypeptide(L)'
_entity_poly.pdbx_seq_one_letter_code
;APMKLYGAVMSWNLTRCATALEEAGSDYEIVPINFATAEHKSPEHLVRNPFGQVPALQDGDLYLFESRAICKYAARKNKP
ELLREGNLEEAAMVDVWIEVEANQYTAALNPILFQVLISPMLGGTTDQKVVDENLEKLKKVLEVYEARLTKCKYLAGDFL
SLADLNHVSVTLCLFATPYASVLDAYPHVKAWWSGLMERPSVQKVAALMKPSA
;
_entity_poly.pdbx_strand_id   A,B,C,D
#
# COMPACT_ATOMS: atom_id res chain seq x y z
N ALA A 1 30.14 16.84 -28.14
CA ALA A 1 29.13 15.96 -28.82
C ALA A 1 29.29 14.46 -28.58
N PRO A 2 30.48 13.89 -28.73
CA PRO A 2 30.63 12.55 -29.27
C PRO A 2 30.67 11.40 -28.28
N MET A 3 30.08 10.23 -28.55
CA MET A 3 30.14 9.11 -27.60
C MET A 3 31.36 8.19 -27.76
N LYS A 4 31.94 7.90 -26.59
CA LYS A 4 33.08 6.96 -26.51
C LYS A 4 32.78 5.52 -26.08
N LEU A 5 32.85 4.53 -26.99
CA LEU A 5 32.80 3.10 -26.72
C LEU A 5 34.15 2.39 -26.55
N TYR A 6 34.62 2.15 -25.34
CA TYR A 6 35.87 1.44 -25.11
C TYR A 6 35.80 -0.07 -25.38
N GLY A 7 36.92 -0.72 -25.68
CA GLY A 7 37.06 -2.13 -25.82
C GLY A 7 37.42 -2.63 -27.22
N ALA A 8 38.10 -3.77 -27.29
CA ALA A 8 38.54 -4.30 -28.58
C ALA A 8 37.25 -4.69 -29.29
N VAL A 9 37.22 -4.71 -30.59
CA VAL A 9 36.15 -5.20 -31.43
C VAL A 9 36.15 -6.72 -31.52
N MET A 10 37.14 -7.42 -30.94
CA MET A 10 37.19 -8.87 -30.99
C MET A 10 36.21 -9.44 -29.92
N SER A 11 36.05 -8.66 -28.86
CA SER A 11 34.93 -8.85 -27.99
C SER A 11 33.61 -8.70 -28.73
N TRP A 12 32.57 -9.46 -28.36
CA TRP A 12 31.36 -9.56 -29.18
C TRP A 12 30.28 -9.00 -28.24
N ASN A 13 30.75 -8.74 -27.02
CA ASN A 13 29.95 -7.87 -26.16
C ASN A 13 30.01 -6.46 -26.74
N LEU A 14 31.27 -6.14 -27.06
CA LEU A 14 31.63 -4.80 -27.47
C LEU A 14 31.01 -4.57 -28.83
N THR A 15 31.14 -5.54 -29.75
CA THR A 15 30.40 -5.31 -30.98
C THR A 15 28.90 -5.35 -30.79
N ARG A 16 28.35 -5.64 -29.60
CA ARG A 16 26.89 -5.55 -29.48
C ARG A 16 26.53 -4.15 -28.98
N CYS A 17 27.17 -3.47 -28.04
CA CYS A 17 27.01 -2.02 -28.05
C CYS A 17 27.04 -1.32 -29.39
N ALA A 18 28.15 -1.42 -30.10
CA ALA A 18 28.49 -0.81 -31.37
C ALA A 18 27.71 -1.51 -32.47
N THR A 19 26.41 -1.61 -32.26
CA THR A 19 25.56 -2.00 -33.39
C THR A 19 24.16 -1.53 -33.01
N ALA A 20 24.10 -1.21 -31.71
CA ALA A 20 22.89 -0.56 -31.23
C ALA A 20 22.96 0.96 -31.39
N LEU A 21 24.07 1.57 -30.95
CA LEU A 21 24.73 2.64 -31.67
C LEU A 21 24.56 2.70 -33.15
N GLU A 22 24.94 1.84 -34.06
CA GLU A 22 24.59 2.11 -35.47
C GLU A 22 23.11 2.25 -35.75
N GLU A 23 22.21 1.31 -35.51
CA GLU A 23 20.81 1.51 -35.90
C GLU A 23 20.26 2.84 -35.39
N ALA A 24 20.53 3.13 -34.12
CA ALA A 24 20.09 4.32 -33.45
C ALA A 24 20.68 5.59 -34.03
N GLY A 25 21.67 5.53 -34.90
CA GLY A 25 22.36 6.64 -35.50
C GLY A 25 23.14 7.48 -34.50
N SER A 26 23.67 6.89 -33.43
CA SER A 26 24.28 7.74 -32.41
C SER A 26 25.59 8.28 -32.99
N ASP A 27 26.30 8.96 -32.09
CA ASP A 27 27.60 9.51 -32.44
C ASP A 27 28.73 8.95 -31.61
N TYR A 28 29.24 7.78 -32.00
CA TYR A 28 30.17 7.07 -31.13
C TYR A 28 31.49 6.89 -31.88
N GLU A 29 32.52 7.01 -31.04
CA GLU A 29 33.88 6.53 -31.36
C GLU A 29 34.24 5.30 -30.52
N ILE A 30 34.70 4.28 -31.25
CA ILE A 30 35.34 3.15 -30.55
C ILE A 30 36.81 3.43 -30.23
N VAL A 31 37.18 3.79 -29.02
CA VAL A 31 38.50 3.66 -28.45
C VAL A 31 38.96 2.27 -27.96
N PRO A 32 40.07 1.75 -28.53
CA PRO A 32 40.31 0.33 -28.21
C PRO A 32 40.71 0.22 -26.77
N ILE A 33 40.17 -0.80 -26.06
CA ILE A 33 40.96 -1.30 -24.91
C ILE A 33 41.71 -2.52 -25.39
N ASN A 34 42.82 -2.76 -24.70
CA ASN A 34 43.63 -3.92 -25.07
C ASN A 34 43.95 -4.84 -23.90
N PHE A 35 43.51 -6.10 -24.03
CA PHE A 35 43.74 -7.12 -23.00
C PHE A 35 45.24 -7.35 -22.77
N ALA A 36 46.17 -7.37 -23.73
CA ALA A 36 47.52 -7.86 -23.49
C ALA A 36 48.41 -7.12 -22.51
N THR A 37 48.21 -5.86 -22.34
CA THR A 37 48.95 -4.91 -21.53
C THR A 37 48.11 -4.66 -20.28
N ALA A 38 46.89 -5.22 -20.33
CA ALA A 38 45.89 -5.06 -19.31
C ALA A 38 45.39 -3.61 -19.23
N GLU A 39 45.04 -3.05 -20.40
CA GLU A 39 44.50 -1.69 -20.39
C GLU A 39 43.22 -1.62 -19.56
N HIS A 40 42.36 -2.62 -19.69
CA HIS A 40 41.18 -2.84 -18.87
C HIS A 40 41.38 -2.81 -17.37
N LYS A 41 42.55 -2.81 -16.75
CA LYS A 41 42.58 -2.94 -15.29
C LYS A 41 43.33 -1.73 -14.73
N SER A 42 43.99 -1.08 -15.73
CA SER A 42 44.46 0.28 -15.58
C SER A 42 43.53 1.08 -14.66
N PRO A 43 44.18 1.97 -13.92
CA PRO A 43 43.48 2.60 -12.81
C PRO A 43 42.67 3.73 -13.44
N GLU A 44 43.11 4.11 -14.63
CA GLU A 44 42.29 4.72 -15.66
C GLU A 44 40.92 4.12 -15.91
N HIS A 45 40.86 3.03 -16.66
CA HIS A 45 39.67 2.28 -16.99
C HIS A 45 38.77 1.88 -15.83
N LEU A 46 39.28 1.63 -14.62
CA LEU A 46 38.40 1.38 -13.47
C LEU A 46 37.46 2.51 -13.07
N VAL A 47 37.33 3.56 -13.84
CA VAL A 47 36.50 4.73 -13.64
C VAL A 47 35.36 4.66 -14.67
N ARG A 48 35.67 4.05 -15.81
CA ARG A 48 34.65 3.71 -16.78
C ARG A 48 33.93 2.40 -16.54
N ASN A 49 34.47 1.54 -15.72
CA ASN A 49 33.94 0.27 -15.27
C ASN A 49 34.80 -0.28 -14.13
N PRO A 50 34.25 -0.35 -12.91
CA PRO A 50 35.06 -0.63 -11.73
C PRO A 50 35.51 -2.09 -11.65
N PHE A 51 34.76 -2.96 -12.33
CA PHE A 51 35.14 -4.34 -12.52
C PHE A 51 36.41 -4.57 -13.30
N GLY A 52 36.53 -3.92 -14.45
CA GLY A 52 37.77 -4.10 -15.19
C GLY A 52 37.41 -4.84 -16.48
N GLN A 53 36.23 -4.45 -17.05
CA GLN A 53 36.03 -4.88 -18.43
C GLN A 53 35.30 -4.04 -19.46
N VAL A 54 35.55 -4.39 -20.72
CA VAL A 54 35.00 -3.70 -21.89
C VAL A 54 33.68 -4.43 -22.07
N PRO A 55 32.61 -3.78 -22.49
CA PRO A 55 32.70 -2.36 -22.84
C PRO A 55 32.55 -1.46 -21.62
N ALA A 56 33.01 -0.20 -21.65
CA ALA A 56 32.21 0.87 -21.05
C ALA A 56 31.90 1.98 -22.03
N LEU A 57 30.69 2.50 -22.25
CA LEU A 57 30.48 3.82 -22.84
C LEU A 57 30.86 4.97 -21.89
N GLN A 58 31.49 5.96 -22.55
CA GLN A 58 31.48 7.33 -22.08
C GLN A 58 30.62 8.31 -22.88
N ASP A 59 29.65 8.80 -22.14
CA ASP A 59 28.84 9.87 -22.70
C ASP A 59 28.80 10.97 -21.64
N GLY A 60 29.32 12.15 -22.01
CA GLY A 60 29.12 13.27 -21.07
C GLY A 60 30.16 13.05 -19.97
N ASP A 61 29.77 13.12 -18.70
CA ASP A 61 30.65 12.64 -17.63
C ASP A 61 30.03 11.38 -17.00
N LEU A 62 29.00 10.93 -17.70
CA LEU A 62 28.30 9.69 -17.41
C LEU A 62 29.00 8.47 -17.98
N TYR A 63 29.48 7.53 -17.15
CA TYR A 63 29.82 6.20 -17.70
C TYR A 63 28.81 5.10 -17.47
N LEU A 64 28.47 4.37 -18.55
CA LEU A 64 27.85 3.05 -18.48
C LEU A 64 28.81 1.89 -18.71
N PHE A 65 28.44 0.70 -18.26
CA PHE A 65 28.90 -0.58 -18.74
C PHE A 65 27.80 -1.65 -18.71
N GLU A 66 28.29 -2.87 -18.99
CA GLU A 66 27.41 -3.95 -19.35
C GLU A 66 26.74 -3.70 -20.69
N SER A 67 27.11 -4.49 -21.70
CA SER A 67 26.69 -4.42 -23.06
C SER A 67 25.25 -3.96 -23.13
N ARG A 68 24.46 -4.74 -22.39
CA ARG A 68 23.01 -4.71 -22.61
C ARG A 68 22.43 -3.42 -22.04
N ALA A 69 23.01 -2.87 -21.00
CA ALA A 69 22.73 -1.57 -20.42
C ALA A 69 22.91 -0.43 -21.41
N ILE A 70 24.05 -0.33 -22.05
CA ILE A 70 24.50 0.49 -23.12
C ILE A 70 23.81 0.22 -24.44
N CYS A 71 23.27 -0.93 -24.83
CA CYS A 71 22.32 -0.87 -25.97
C CYS A 71 20.96 -0.37 -25.51
N LYS A 72 20.72 -0.17 -24.21
CA LYS A 72 19.56 0.57 -23.73
C LYS A 72 19.72 2.07 -23.94
N TYR A 73 20.67 2.77 -23.37
CA TYR A 73 21.13 4.07 -23.79
C TYR A 73 21.05 4.44 -25.26
N ALA A 74 21.70 3.70 -26.15
CA ALA A 74 21.50 3.96 -27.56
C ALA A 74 20.01 4.02 -27.88
N ALA A 75 19.18 3.06 -27.48
CA ALA A 75 17.78 3.14 -27.94
C ALA A 75 17.04 4.26 -27.23
N ARG A 76 17.49 4.62 -26.05
CA ARG A 76 16.83 5.51 -25.10
C ARG A 76 17.43 6.90 -25.17
N LYS A 77 17.93 7.26 -26.37
CA LYS A 77 18.63 8.54 -26.52
C LYS A 77 18.35 9.13 -27.90
N ASN A 78 18.75 8.35 -28.89
CA ASN A 78 18.60 8.65 -30.29
C ASN A 78 17.82 7.58 -31.04
N LYS A 79 16.98 6.74 -30.43
CA LYS A 79 15.86 6.20 -31.27
C LYS A 79 14.92 5.37 -30.43
N PRO A 80 13.86 6.03 -29.88
CA PRO A 80 13.04 5.35 -28.88
C PRO A 80 11.98 4.45 -29.45
N GLU A 81 11.95 4.17 -30.74
CA GLU A 81 11.16 3.13 -31.35
C GLU A 81 11.64 1.71 -31.11
N LEU A 82 12.76 1.52 -30.43
CA LEU A 82 13.59 0.32 -30.56
C LEU A 82 13.19 -0.52 -29.33
N LEU A 83 12.96 0.23 -28.25
CA LEU A 83 12.21 -0.24 -27.12
C LEU A 83 10.71 -0.15 -27.10
N ARG A 84 9.97 0.48 -27.98
CA ARG A 84 8.53 0.69 -27.86
C ARG A 84 7.98 1.02 -26.49
N GLU A 85 8.69 1.78 -25.64
CA GLU A 85 8.06 2.17 -24.37
C GLU A 85 6.75 2.93 -24.60
N GLY A 86 6.02 3.18 -23.52
CA GLY A 86 4.67 3.74 -23.57
C GLY A 86 3.62 2.83 -24.17
N ASN A 87 3.96 1.57 -24.41
CA ASN A 87 3.04 0.52 -24.81
C ASN A 87 3.45 -0.76 -24.09
N LEU A 88 2.91 -0.93 -22.89
CA LEU A 88 3.28 -2.03 -22.00
C LEU A 88 3.20 -3.38 -22.70
N GLU A 89 2.23 -3.65 -23.56
CA GLU A 89 2.26 -4.99 -24.17
C GLU A 89 3.45 -5.12 -25.11
N GLU A 90 3.73 -4.10 -25.91
CA GLU A 90 4.86 -4.14 -26.84
C GLU A 90 6.19 -3.84 -26.16
N ALA A 91 6.19 -2.96 -25.16
CA ALA A 91 7.43 -2.72 -24.44
C ALA A 91 7.80 -3.93 -23.60
N ALA A 92 6.81 -4.73 -23.21
CA ALA A 92 7.04 -5.93 -22.42
C ALA A 92 7.42 -7.13 -23.30
N MET A 93 6.92 -7.24 -24.53
CA MET A 93 7.40 -8.20 -25.49
C MET A 93 8.90 -8.21 -25.73
N VAL A 94 9.66 -7.20 -25.34
CA VAL A 94 10.87 -6.74 -26.02
C VAL A 94 11.91 -7.08 -24.96
N ASP A 95 11.53 -6.61 -23.76
CA ASP A 95 12.35 -6.97 -22.61
C ASP A 95 12.48 -8.48 -22.50
N VAL A 96 11.37 -9.20 -22.41
CA VAL A 96 11.28 -10.62 -22.63
C VAL A 96 12.41 -11.09 -23.54
N TRP A 97 12.28 -10.86 -24.84
CA TRP A 97 13.21 -11.45 -25.78
C TRP A 97 14.62 -10.90 -25.69
N ILE A 98 14.82 -9.82 -24.93
CA ILE A 98 16.14 -9.37 -24.55
C ILE A 98 16.72 -10.30 -23.52
N GLU A 99 15.89 -10.92 -22.69
CA GLU A 99 16.32 -12.06 -21.85
C GLU A 99 16.48 -13.28 -22.68
N VAL A 100 15.53 -13.49 -23.60
CA VAL A 100 15.66 -14.65 -24.46
C VAL A 100 17.05 -14.70 -25.02
N GLU A 101 17.63 -13.80 -25.76
CA GLU A 101 19.00 -13.81 -26.29
C GLU A 101 20.07 -13.99 -25.23
N ALA A 102 19.99 -13.21 -24.17
CA ALA A 102 20.86 -13.28 -23.02
C ALA A 102 21.00 -14.67 -22.39
N ASN A 103 20.07 -15.60 -22.48
CA ASN A 103 19.90 -16.75 -21.60
C ASN A 103 19.67 -18.03 -22.41
N GLN A 104 19.12 -17.87 -23.60
CA GLN A 104 18.81 -19.02 -24.42
C GLN A 104 19.60 -18.99 -25.70
N TYR A 105 20.19 -17.89 -26.19
CA TYR A 105 20.71 -17.95 -27.59
C TYR A 105 22.22 -17.97 -27.41
N THR A 106 22.64 -16.97 -26.62
CA THR A 106 24.02 -16.57 -26.48
C THR A 106 24.69 -17.45 -25.43
N ALA A 107 23.85 -17.94 -24.52
CA ALA A 107 24.26 -18.78 -23.41
C ALA A 107 24.64 -20.17 -23.92
N ALA A 108 24.03 -20.69 -24.96
CA ALA A 108 24.63 -21.56 -25.94
C ALA A 108 25.60 -21.18 -27.03
N LEU A 109 25.59 -19.92 -27.51
CA LEU A 109 26.59 -19.55 -28.54
C LEU A 109 27.93 -19.32 -27.84
N ASN A 110 27.84 -18.75 -26.63
CA ASN A 110 29.05 -18.39 -25.93
C ASN A 110 30.11 -19.47 -26.04
N PRO A 111 29.88 -20.67 -25.53
CA PRO A 111 30.92 -21.70 -25.43
C PRO A 111 31.16 -22.31 -26.80
N ILE A 112 30.18 -22.35 -27.70
CA ILE A 112 30.56 -22.62 -29.09
C ILE A 112 31.67 -21.64 -29.50
N LEU A 113 31.36 -20.36 -29.32
CA LEU A 113 32.21 -19.28 -29.77
C LEU A 113 33.58 -19.16 -29.13
N PHE A 114 33.61 -19.14 -27.80
CA PHE A 114 34.82 -19.51 -27.08
C PHE A 114 35.49 -20.80 -27.52
N GLN A 115 34.78 -21.91 -27.69
CA GLN A 115 35.57 -23.11 -27.94
C GLN A 115 36.31 -22.84 -29.24
N VAL A 116 35.63 -22.48 -30.31
CA VAL A 116 36.27 -22.48 -31.63
C VAL A 116 37.12 -21.25 -31.92
N LEU A 117 36.91 -20.08 -31.28
CA LEU A 117 37.73 -18.92 -31.57
C LEU A 117 38.70 -18.67 -30.45
N ILE A 118 38.31 -18.15 -29.30
CA ILE A 118 39.27 -17.82 -28.26
C ILE A 118 40.29 -18.89 -27.90
N SER A 119 39.85 -20.15 -27.92
CA SER A 119 40.45 -21.16 -27.06
C SER A 119 41.72 -21.48 -27.82
N PRO A 120 41.59 -21.67 -29.11
CA PRO A 120 42.78 -21.92 -29.91
C PRO A 120 43.86 -20.89 -29.71
N MET A 121 43.65 -19.66 -29.27
CA MET A 121 44.56 -18.58 -29.05
C MET A 121 45.36 -18.90 -27.81
N LEU A 122 44.69 -19.61 -26.85
CA LEU A 122 45.60 -19.89 -25.72
C LEU A 122 46.32 -21.21 -25.74
N GLY A 123 45.75 -22.32 -26.17
CA GLY A 123 46.26 -23.61 -25.62
C GLY A 123 46.48 -24.48 -26.86
N GLY A 124 45.75 -24.20 -27.92
CA GLY A 124 46.00 -24.91 -29.16
C GLY A 124 44.64 -25.33 -29.73
N THR A 125 43.60 -25.37 -28.88
CA THR A 125 42.60 -26.43 -28.95
C THR A 125 41.17 -25.90 -28.73
N THR A 126 40.27 -26.75 -29.19
CA THR A 126 38.83 -26.59 -28.95
C THR A 126 38.26 -27.86 -28.36
N ASP A 127 37.40 -27.75 -27.34
CA ASP A 127 36.80 -29.00 -26.82
C ASP A 127 35.62 -29.32 -27.70
N GLN A 128 35.79 -30.22 -28.64
CA GLN A 128 34.62 -30.65 -29.43
C GLN A 128 33.47 -31.31 -28.70
N LYS A 129 33.53 -31.51 -27.38
CA LYS A 129 32.40 -32.10 -26.69
C LYS A 129 31.54 -31.02 -26.07
N VAL A 130 32.30 -30.04 -25.55
CA VAL A 130 31.64 -28.73 -25.40
C VAL A 130 30.99 -28.18 -26.67
N VAL A 131 31.78 -28.05 -27.75
CA VAL A 131 31.15 -27.60 -29.01
C VAL A 131 29.88 -28.36 -29.40
N ASP A 132 29.96 -29.68 -29.45
CA ASP A 132 28.81 -30.57 -29.67
C ASP A 132 27.73 -30.39 -28.63
N GLU A 133 28.02 -30.13 -27.35
CA GLU A 133 27.04 -30.24 -26.29
C GLU A 133 26.33 -28.90 -26.16
N ASN A 134 26.95 -27.77 -26.57
CA ASN A 134 26.11 -26.55 -26.63
C ASN A 134 25.56 -26.33 -28.02
N LEU A 135 26.23 -26.88 -29.02
CA LEU A 135 25.45 -27.01 -30.30
C LEU A 135 24.02 -27.49 -30.11
N GLU A 136 23.72 -28.61 -29.43
CA GLU A 136 22.38 -29.18 -29.39
C GLU A 136 21.52 -28.32 -28.46
N LYS A 137 22.10 -27.67 -27.47
CA LYS A 137 21.29 -26.71 -26.70
C LYS A 137 20.86 -25.63 -27.69
N LEU A 138 21.75 -25.25 -28.63
CA LEU A 138 21.42 -24.15 -29.52
C LEU A 138 20.41 -24.68 -30.52
N LYS A 139 20.43 -25.95 -30.94
CA LYS A 139 19.40 -26.45 -31.87
C LYS A 139 18.01 -26.41 -31.22
N LYS A 140 18.00 -26.51 -29.90
CA LYS A 140 16.84 -26.54 -29.06
C LYS A 140 16.22 -25.15 -28.96
N VAL A 141 17.07 -24.15 -28.71
CA VAL A 141 16.56 -22.77 -28.70
C VAL A 141 16.12 -22.31 -30.08
N LEU A 142 16.82 -22.66 -31.16
CA LEU A 142 16.35 -22.37 -32.49
C LEU A 142 14.88 -22.64 -32.64
N GLU A 143 14.44 -23.89 -32.49
CA GLU A 143 13.06 -24.29 -32.67
C GLU A 143 12.11 -23.26 -32.05
N VAL A 144 12.25 -22.77 -30.83
CA VAL A 144 11.39 -21.69 -30.39
C VAL A 144 11.41 -20.55 -31.39
N TYR A 145 12.55 -19.88 -31.55
CA TYR A 145 12.81 -18.96 -32.67
C TYR A 145 12.01 -19.44 -33.88
N GLU A 146 12.19 -20.60 -34.51
CA GLU A 146 11.30 -20.89 -35.65
C GLU A 146 9.83 -20.72 -35.32
N ALA A 147 9.41 -21.13 -34.12
CA ALA A 147 7.98 -21.04 -33.80
C ALA A 147 7.72 -19.53 -33.86
N ARG A 148 8.47 -18.76 -33.09
CA ARG A 148 8.08 -17.37 -32.87
C ARG A 148 8.16 -16.58 -34.16
N LEU A 149 9.04 -16.80 -35.11
CA LEU A 149 9.06 -15.99 -36.32
C LEU A 149 8.28 -16.69 -37.44
N THR A 150 7.09 -17.12 -37.11
CA THR A 150 6.05 -17.52 -38.06
C THR A 150 4.77 -16.85 -37.56
N LYS A 151 4.87 -16.47 -36.30
CA LYS A 151 3.86 -15.73 -35.58
C LYS A 151 4.10 -14.25 -35.89
N CYS A 152 5.31 -13.90 -36.31
CA CYS A 152 5.79 -12.53 -36.15
C CYS A 152 6.76 -12.23 -37.29
N LYS A 153 6.89 -10.95 -37.62
CA LYS A 153 7.90 -10.56 -38.60
C LYS A 153 9.27 -10.76 -37.95
N TYR A 154 9.44 -10.00 -36.88
CA TYR A 154 10.66 -9.89 -36.12
C TYR A 154 10.54 -10.67 -34.81
N LEU A 155 11.50 -10.48 -33.92
CA LEU A 155 11.37 -11.15 -32.63
C LEU A 155 10.19 -10.54 -31.90
N ALA A 156 10.12 -9.32 -31.37
CA ALA A 156 9.12 -9.12 -30.31
C ALA A 156 7.76 -8.70 -30.84
N GLY A 157 7.37 -8.92 -32.08
CA GLY A 157 6.32 -8.18 -32.75
C GLY A 157 6.46 -8.25 -34.27
N ASP A 158 5.84 -7.33 -35.02
CA ASP A 158 6.33 -7.07 -36.38
C ASP A 158 7.06 -5.74 -36.50
N PHE A 159 7.09 -4.98 -35.39
CA PHE A 159 8.19 -4.04 -35.15
C PHE A 159 9.62 -4.54 -35.05
N LEU A 160 10.62 -3.85 -35.61
CA LEU A 160 12.01 -4.09 -35.21
C LEU A 160 12.22 -3.53 -33.83
N SER A 161 13.22 -3.95 -33.08
CA SER A 161 13.36 -3.66 -31.64
C SER A 161 14.83 -4.00 -31.30
N LEU A 162 15.26 -3.48 -30.14
CA LEU A 162 16.47 -3.96 -29.51
C LEU A 162 16.64 -5.48 -29.59
N ALA A 163 15.95 -6.29 -28.77
CA ALA A 163 15.49 -7.58 -29.24
C ALA A 163 16.26 -8.11 -30.44
N ASP A 164 15.95 -7.88 -31.71
CA ASP A 164 16.74 -8.56 -32.74
C ASP A 164 18.17 -8.05 -32.84
N LEU A 165 18.41 -6.78 -32.53
CA LEU A 165 19.73 -6.18 -32.73
C LEU A 165 20.74 -6.72 -31.72
N ASN A 166 20.30 -6.89 -30.47
CA ASN A 166 21.15 -7.57 -29.50
C ASN A 166 21.62 -8.95 -29.93
N HIS A 167 21.03 -9.66 -30.87
CA HIS A 167 21.44 -10.90 -31.44
C HIS A 167 22.53 -10.83 -32.50
N VAL A 168 22.85 -9.68 -33.03
CA VAL A 168 23.38 -9.58 -34.40
C VAL A 168 24.86 -9.96 -34.35
N SER A 169 25.47 -9.38 -33.34
CA SER A 169 26.83 -9.55 -32.87
C SER A 169 27.23 -11.01 -32.93
N VAL A 170 26.57 -11.88 -32.18
CA VAL A 170 27.07 -13.23 -31.86
C VAL A 170 26.73 -14.17 -33.01
N THR A 171 25.57 -13.81 -33.63
CA THR A 171 25.25 -14.50 -34.88
C THR A 171 26.34 -14.22 -35.91
N LEU A 172 27.04 -13.09 -35.82
CA LEU A 172 27.97 -12.79 -36.90
C LEU A 172 29.13 -13.74 -36.68
N CYS A 173 29.63 -13.63 -35.45
CA CYS A 173 30.73 -14.47 -34.95
C CYS A 173 30.43 -15.94 -35.22
N LEU A 174 29.15 -16.32 -34.98
CA LEU A 174 28.70 -17.59 -35.50
C LEU A 174 29.05 -17.87 -36.94
N PHE A 175 29.07 -16.99 -37.93
CA PHE A 175 29.48 -17.32 -39.30
C PHE A 175 31.00 -17.39 -39.43
N ALA A 176 31.72 -17.00 -38.36
CA ALA A 176 33.15 -17.28 -38.25
C ALA A 176 33.39 -18.78 -38.12
N THR A 177 32.48 -19.50 -37.42
CA THR A 177 32.93 -20.81 -36.97
C THR A 177 32.18 -21.71 -37.92
N PRO A 178 32.57 -22.98 -37.97
CA PRO A 178 32.00 -23.81 -39.04
C PRO A 178 30.60 -24.27 -38.71
N TYR A 179 29.98 -23.86 -37.61
CA TYR A 179 28.65 -24.29 -37.25
C TYR A 179 27.54 -23.31 -37.54
N ALA A 180 27.73 -22.55 -38.63
CA ALA A 180 26.81 -21.44 -38.92
C ALA A 180 25.80 -21.95 -39.94
N SER A 181 25.90 -23.25 -40.21
CA SER A 181 24.93 -23.93 -41.04
C SER A 181 23.72 -24.33 -40.24
N VAL A 182 23.70 -24.15 -38.91
CA VAL A 182 22.64 -24.84 -38.14
C VAL A 182 21.32 -24.11 -38.36
N LEU A 183 21.41 -22.82 -38.74
CA LEU A 183 20.25 -22.02 -39.10
C LEU A 183 19.68 -22.36 -40.46
N ASP A 184 20.29 -23.18 -41.31
CA ASP A 184 19.55 -23.76 -42.44
C ASP A 184 18.38 -24.65 -42.09
N ALA A 185 18.33 -25.32 -40.94
CA ALA A 185 17.28 -26.33 -40.72
C ALA A 185 15.99 -25.65 -40.34
N TYR A 186 16.07 -24.34 -40.09
CA TYR A 186 15.07 -23.44 -39.60
C TYR A 186 14.89 -22.17 -40.45
N PRO A 187 14.14 -22.28 -41.55
CA PRO A 187 13.92 -21.26 -42.54
C PRO A 187 13.50 -19.85 -42.19
N HIS A 188 12.50 -19.67 -41.37
CA HIS A 188 12.14 -18.42 -40.74
C HIS A 188 13.16 -17.78 -39.83
N VAL A 189 14.09 -18.52 -39.22
CA VAL A 189 15.20 -17.80 -38.57
C VAL A 189 16.20 -17.34 -39.62
N LYS A 190 16.40 -18.17 -40.66
CA LYS A 190 17.19 -17.75 -41.80
C LYS A 190 16.70 -16.45 -42.43
N ALA A 191 15.40 -16.25 -42.64
CA ALA A 191 14.90 -15.04 -43.25
C ALA A 191 15.41 -13.85 -42.43
N TRP A 192 14.87 -13.87 -41.21
CA TRP A 192 15.14 -12.83 -40.24
C TRP A 192 16.61 -12.52 -40.01
N TRP A 193 17.52 -13.49 -40.03
CA TRP A 193 18.92 -13.03 -39.96
C TRP A 193 19.29 -12.28 -41.23
N SER A 194 19.03 -12.91 -42.37
CA SER A 194 19.44 -12.42 -43.67
C SER A 194 18.73 -11.10 -43.98
N GLY A 195 17.43 -11.05 -43.76
CA GLY A 195 16.74 -9.77 -43.61
C GLY A 195 17.64 -8.75 -42.95
N LEU A 196 18.30 -9.04 -41.85
CA LEU A 196 18.70 -8.04 -40.84
C LEU A 196 20.20 -7.84 -41.03
N MET A 197 20.67 -8.50 -42.07
CA MET A 197 21.95 -8.34 -42.69
C MET A 197 21.88 -7.27 -43.75
N GLU A 198 20.65 -6.90 -44.12
CA GLU A 198 20.48 -5.97 -45.23
C GLU A 198 20.64 -4.56 -44.68
N ARG A 199 20.21 -4.38 -43.45
CA ARG A 199 20.43 -3.14 -42.70
C ARG A 199 21.82 -2.59 -42.98
N PRO A 200 21.91 -1.29 -43.32
CA PRO A 200 23.21 -0.63 -43.25
C PRO A 200 23.99 -0.98 -41.99
N SER A 201 23.53 -0.57 -40.82
CA SER A 201 24.01 -0.88 -39.51
C SER A 201 24.35 -2.33 -39.20
N VAL A 202 23.74 -3.38 -39.75
CA VAL A 202 24.36 -4.69 -39.50
C VAL A 202 25.64 -4.87 -40.30
N GLN A 203 25.73 -4.23 -41.46
CA GLN A 203 26.89 -4.39 -42.33
C GLN A 203 28.03 -3.50 -41.81
N LYS A 204 27.66 -2.33 -41.28
CA LYS A 204 28.69 -1.47 -40.69
C LYS A 204 29.45 -2.30 -39.68
N VAL A 205 28.81 -3.12 -38.86
CA VAL A 205 29.47 -4.05 -37.95
C VAL A 205 29.97 -5.29 -38.64
N ALA A 206 29.36 -5.80 -39.69
CA ALA A 206 29.93 -6.89 -40.46
C ALA A 206 31.37 -6.62 -40.84
N ALA A 207 31.75 -5.38 -41.09
CA ALA A 207 33.07 -5.10 -41.64
C ALA A 207 33.87 -4.32 -40.63
N LEU A 208 33.31 -4.01 -39.47
CA LEU A 208 34.12 -3.73 -38.27
C LEU A 208 34.78 -5.02 -37.79
N MET A 209 34.25 -6.19 -38.11
CA MET A 209 34.73 -7.47 -37.63
C MET A 209 35.79 -8.11 -38.54
N LYS A 210 35.35 -8.86 -39.54
CA LYS A 210 36.23 -9.10 -40.70
C LYS A 210 36.71 -7.73 -41.17
N PRO A 211 37.92 -7.61 -41.67
CA PRO A 211 38.29 -6.43 -42.43
C PRO A 211 37.24 -5.84 -43.36
N SER A 212 37.31 -6.01 -44.69
CA SER A 212 36.12 -6.49 -45.43
C SER A 212 36.64 -7.49 -46.47
N ALA A 213 35.80 -7.75 -47.48
CA ALA A 213 36.10 -8.68 -48.55
C ALA A 213 37.13 -8.14 -49.54
N ALA B 1 -9.19 -9.06 -12.18
CA ALA B 1 -8.53 -10.41 -12.19
C ALA B 1 -7.01 -10.32 -12.13
N PRO B 2 -6.45 -10.58 -10.95
CA PRO B 2 -5.02 -10.49 -10.72
C PRO B 2 -4.12 -11.36 -11.58
N MET B 3 -2.81 -11.23 -11.35
CA MET B 3 -1.77 -11.92 -12.09
C MET B 3 -1.34 -13.22 -11.43
N LYS B 4 -1.15 -14.22 -12.28
CA LYS B 4 -0.58 -15.51 -11.92
C LYS B 4 0.94 -15.59 -12.08
N LEU B 5 1.74 -15.41 -11.01
CA LEU B 5 3.08 -15.97 -10.89
C LEU B 5 3.33 -17.47 -10.92
N TYR B 6 3.39 -18.13 -12.05
CA TYR B 6 3.61 -19.56 -12.21
C TYR B 6 4.93 -20.11 -11.67
N GLY B 7 5.02 -21.41 -11.42
CA GLY B 7 6.22 -22.04 -10.88
C GLY B 7 6.41 -21.96 -9.38
N ALA B 8 7.33 -22.71 -8.82
CA ALA B 8 7.59 -22.94 -7.42
C ALA B 8 8.13 -21.77 -6.62
N VAL B 9 7.84 -21.75 -5.32
CA VAL B 9 8.19 -20.58 -4.50
C VAL B 9 9.57 -20.75 -3.85
N MET B 10 10.14 -21.93 -4.08
CA MET B 10 11.50 -22.21 -3.69
C MET B 10 12.48 -21.35 -4.48
N SER B 11 12.35 -21.24 -5.79
CA SER B 11 13.34 -20.64 -6.67
C SER B 11 13.59 -19.14 -6.51
N TRP B 12 14.85 -18.74 -6.42
CA TRP B 12 15.17 -17.32 -6.35
C TRP B 12 14.84 -16.56 -7.63
N ASN B 13 14.93 -17.12 -8.82
CA ASN B 13 14.24 -16.60 -9.99
C ASN B 13 12.81 -16.15 -9.72
N LEU B 14 11.93 -17.00 -9.20
CA LEU B 14 10.57 -16.69 -8.84
C LEU B 14 10.41 -15.80 -7.63
N THR B 15 11.16 -16.06 -6.58
CA THR B 15 11.18 -15.09 -5.48
C THR B 15 11.96 -13.85 -5.89
N ARG B 16 12.49 -13.66 -7.11
CA ARG B 16 12.70 -12.40 -7.78
C ARG B 16 11.45 -11.73 -8.36
N CYS B 17 10.67 -12.32 -9.26
CA CYS B 17 9.47 -11.59 -9.69
C CYS B 17 8.73 -11.17 -8.43
N ALA B 18 8.44 -12.05 -7.46
CA ALA B 18 7.45 -11.67 -6.45
C ALA B 18 7.96 -10.52 -5.60
N THR B 19 9.24 -10.35 -5.30
CA THR B 19 9.78 -9.13 -4.72
C THR B 19 9.49 -7.86 -5.52
N ALA B 20 9.23 -8.02 -6.80
CA ALA B 20 8.90 -6.93 -7.71
C ALA B 20 7.44 -6.59 -7.51
N LEU B 21 6.55 -7.54 -7.75
CA LEU B 21 5.12 -7.38 -7.58
C LEU B 21 4.70 -7.02 -6.16
N GLU B 22 5.35 -7.57 -5.13
CA GLU B 22 4.84 -7.27 -3.79
C GLU B 22 5.26 -5.83 -3.53
N GLU B 23 6.49 -5.49 -3.93
CA GLU B 23 6.92 -4.08 -3.86
C GLU B 23 6.11 -3.21 -4.79
N ALA B 24 5.96 -3.53 -6.06
CA ALA B 24 4.97 -2.96 -6.94
C ALA B 24 3.68 -2.54 -6.26
N GLY B 25 3.12 -3.36 -5.39
CA GLY B 25 1.71 -3.52 -5.12
C GLY B 25 0.95 -4.21 -6.22
N SER B 26 1.49 -5.05 -7.10
CA SER B 26 0.65 -5.61 -8.16
C SER B 26 -0.51 -6.42 -7.52
N ASP B 27 -1.30 -7.04 -8.40
CA ASP B 27 -2.13 -8.18 -7.97
C ASP B 27 -1.59 -9.53 -8.40
N TYR B 28 -0.99 -10.31 -7.50
CA TYR B 28 -0.41 -11.59 -7.92
C TYR B 28 -0.84 -12.79 -7.06
N GLU B 29 -1.39 -13.77 -7.77
CA GLU B 29 -1.49 -15.15 -7.27
C GLU B 29 -0.39 -16.03 -7.82
N ILE B 30 0.47 -16.65 -7.00
CA ILE B 30 1.37 -17.70 -7.51
C ILE B 30 0.65 -19.00 -7.87
N VAL B 31 0.67 -19.51 -9.09
CA VAL B 31 0.25 -20.87 -9.40
C VAL B 31 1.41 -21.85 -9.59
N PRO B 32 1.59 -22.74 -8.62
CA PRO B 32 2.63 -23.74 -8.65
C PRO B 32 2.41 -24.77 -9.74
N ILE B 33 3.55 -25.34 -10.14
CA ILE B 33 3.73 -26.09 -11.36
C ILE B 33 4.42 -27.41 -11.00
N ASN B 34 4.03 -28.48 -11.70
CA ASN B 34 4.59 -29.76 -11.28
C ASN B 34 5.71 -30.12 -12.26
N PHE B 35 6.94 -29.97 -11.75
CA PHE B 35 8.05 -30.67 -12.40
C PHE B 35 8.02 -32.19 -12.33
N ALA B 36 7.80 -32.80 -11.17
CA ALA B 36 7.47 -34.23 -11.08
C ALA B 36 6.62 -34.77 -12.22
N THR B 37 5.53 -34.14 -12.65
CA THR B 37 4.72 -34.72 -13.73
C THR B 37 5.17 -34.29 -15.13
N ALA B 38 6.20 -33.44 -15.06
CA ALA B 38 6.65 -32.60 -16.16
C ALA B 38 5.54 -31.69 -16.68
N GLU B 39 5.03 -30.78 -15.85
CA GLU B 39 3.93 -29.92 -16.30
C GLU B 39 4.28 -28.45 -16.59
N HIS B 40 5.32 -27.83 -16.06
CA HIS B 40 6.36 -27.19 -16.87
C HIS B 40 6.75 -27.76 -18.22
N LYS B 41 6.24 -28.73 -18.94
CA LYS B 41 6.75 -29.13 -20.24
C LYS B 41 5.59 -29.58 -21.14
N SER B 42 4.38 -29.29 -20.65
CA SER B 42 3.17 -29.49 -21.42
C SER B 42 2.90 -28.37 -22.42
N PRO B 43 2.21 -28.70 -23.51
CA PRO B 43 1.23 -27.83 -24.16
C PRO B 43 0.51 -26.83 -23.29
N GLU B 44 -0.05 -27.22 -22.15
CA GLU B 44 -0.52 -26.33 -21.10
C GLU B 44 0.46 -25.35 -20.50
N HIS B 45 1.77 -25.56 -20.48
CA HIS B 45 2.72 -24.52 -20.11
C HIS B 45 3.59 -24.09 -21.29
N LEU B 46 3.25 -24.56 -22.48
CA LEU B 46 4.00 -24.16 -23.67
C LEU B 46 3.31 -23.01 -24.39
N VAL B 47 2.55 -22.24 -23.61
CA VAL B 47 2.00 -20.96 -23.99
C VAL B 47 2.54 -19.93 -23.02
N ARG B 48 3.11 -20.35 -21.91
CA ARG B 48 3.37 -19.40 -20.84
C ARG B 48 4.87 -19.14 -20.79
N ASN B 49 5.58 -19.95 -21.58
CA ASN B 49 7.05 -19.91 -21.59
C ASN B 49 7.54 -21.02 -22.49
N PRO B 50 7.89 -20.70 -23.76
CA PRO B 50 7.90 -21.75 -24.80
C PRO B 50 9.21 -22.52 -24.75
N PHE B 51 10.05 -22.16 -23.80
CA PHE B 51 11.26 -22.95 -23.58
C PHE B 51 10.80 -24.07 -22.63
N GLY B 52 9.99 -23.67 -21.65
CA GLY B 52 9.45 -24.68 -20.73
C GLY B 52 9.96 -24.34 -19.33
N GLN B 53 9.86 -23.05 -18.92
CA GLN B 53 10.49 -22.78 -17.61
C GLN B 53 9.45 -22.07 -16.78
N VAL B 54 9.75 -21.67 -15.59
CA VAL B 54 9.15 -20.63 -14.79
C VAL B 54 10.28 -19.74 -14.25
N PRO B 55 10.09 -18.47 -13.83
CA PRO B 55 8.69 -18.04 -13.66
C PRO B 55 7.99 -17.83 -14.99
N ALA B 56 6.66 -17.79 -15.03
CA ALA B 56 5.92 -16.80 -15.81
C ALA B 56 5.10 -15.86 -14.93
N LEU B 57 4.40 -14.93 -15.58
CA LEU B 57 3.38 -14.05 -15.02
C LEU B 57 2.32 -13.77 -16.08
N GLN B 58 1.25 -14.56 -16.10
CA GLN B 58 0.16 -14.37 -17.06
C GLN B 58 -0.62 -13.12 -16.65
N ASP B 59 -1.10 -12.37 -17.64
CA ASP B 59 -1.87 -11.17 -17.27
C ASP B 59 -2.86 -10.81 -18.35
N GLY B 60 -4.11 -11.20 -18.12
CA GLY B 60 -5.08 -11.17 -19.23
C GLY B 60 -4.60 -12.15 -20.30
N ASP B 61 -4.25 -11.65 -21.49
CA ASP B 61 -3.67 -12.52 -22.52
C ASP B 61 -2.15 -12.29 -22.59
N LEU B 62 -1.64 -11.70 -21.50
CA LEU B 62 -0.19 -11.50 -21.46
C LEU B 62 0.55 -12.73 -21.00
N TYR B 63 1.41 -13.30 -21.87
CA TYR B 63 2.43 -14.22 -21.36
C TYR B 63 3.81 -13.58 -21.39
N LEU B 64 4.22 -13.16 -20.19
CA LEU B 64 5.61 -12.80 -19.97
C LEU B 64 6.45 -13.88 -19.31
N PHE B 65 7.47 -14.45 -19.94
CA PHE B 65 8.59 -14.98 -19.17
C PHE B 65 9.84 -14.16 -18.89
N GLU B 66 11.00 -14.82 -18.77
CA GLU B 66 12.10 -14.41 -17.97
C GLU B 66 12.02 -13.61 -16.70
N SER B 67 12.77 -13.94 -15.65
CA SER B 67 12.69 -13.39 -14.31
C SER B 67 12.65 -11.86 -14.38
N ARG B 68 13.65 -11.30 -15.05
CA ARG B 68 13.97 -9.88 -15.04
C ARG B 68 13.13 -9.09 -16.05
N ALA B 69 12.74 -9.58 -17.22
CA ALA B 69 11.63 -9.01 -17.95
C ALA B 69 10.44 -8.92 -17.00
N ILE B 70 10.14 -10.01 -16.26
CA ILE B 70 8.83 -10.11 -15.62
C ILE B 70 8.89 -9.01 -14.57
N CYS B 71 10.07 -8.89 -13.99
CA CYS B 71 10.17 -8.11 -12.73
C CYS B 71 10.07 -6.63 -13.08
N LYS B 72 10.32 -6.25 -14.33
CA LYS B 72 10.06 -5.00 -15.00
C LYS B 72 8.60 -4.61 -15.13
N TYR B 73 7.80 -5.26 -15.96
CA TYR B 73 6.34 -5.13 -15.85
C TYR B 73 5.74 -4.89 -14.47
N ALA B 74 6.09 -5.59 -13.40
CA ALA B 74 5.85 -5.09 -12.05
C ALA B 74 6.09 -3.58 -11.94
N ALA B 75 7.33 -3.14 -12.05
CA ALA B 75 7.68 -1.73 -12.19
C ALA B 75 6.84 -0.84 -13.08
N ARG B 76 6.67 -1.06 -14.37
CA ARG B 76 5.82 -0.22 -15.22
C ARG B 76 4.34 -0.62 -15.20
N LYS B 77 3.76 -0.85 -14.03
CA LYS B 77 2.34 -0.74 -13.76
C LYS B 77 2.17 0.06 -12.47
N ASN B 78 3.17 0.08 -11.59
CA ASN B 78 2.85 -0.14 -10.18
C ASN B 78 3.66 0.77 -9.27
N LYS B 79 4.97 0.71 -9.48
CA LYS B 79 5.60 2.05 -9.29
C LYS B 79 6.61 2.16 -10.39
N PRO B 80 6.30 3.08 -11.36
CA PRO B 80 7.25 3.31 -12.46
C PRO B 80 8.45 4.09 -12.00
N GLU B 81 8.35 4.70 -10.84
CA GLU B 81 9.43 5.26 -10.06
C GLU B 81 10.55 4.30 -9.67
N LEU B 82 10.29 3.00 -9.70
CA LEU B 82 11.26 1.95 -9.58
C LEU B 82 12.19 1.84 -10.80
N LEU B 83 11.59 1.89 -11.98
CA LEU B 83 12.28 2.16 -13.20
C LEU B 83 12.95 3.52 -13.32
N ARG B 84 12.24 4.61 -13.10
CA ARG B 84 12.81 5.95 -13.22
C ARG B 84 12.93 6.42 -14.65
N GLU B 85 12.04 6.00 -15.55
CA GLU B 85 12.32 6.20 -16.98
C GLU B 85 11.77 7.53 -17.48
N GLY B 86 11.30 8.41 -16.60
CA GLY B 86 11.40 9.84 -16.76
C GLY B 86 12.74 10.48 -17.05
N ASN B 87 13.85 9.76 -17.12
CA ASN B 87 15.17 10.34 -17.19
C ASN B 87 16.16 9.47 -17.94
N LEU B 88 16.53 9.81 -19.18
CA LEU B 88 17.45 8.91 -19.86
C LEU B 88 18.80 8.84 -19.16
N GLU B 89 19.23 9.72 -18.28
CA GLU B 89 20.38 9.45 -17.42
C GLU B 89 20.07 8.58 -16.21
N GLU B 90 18.81 8.27 -15.86
CA GLU B 90 18.51 7.63 -14.56
C GLU B 90 18.06 6.20 -14.85
N ALA B 91 17.14 6.04 -15.81
CA ALA B 91 17.07 4.79 -16.56
C ALA B 91 18.41 4.26 -17.02
N ALA B 92 19.41 5.05 -17.39
CA ALA B 92 20.72 4.52 -17.74
C ALA B 92 21.18 3.55 -16.65
N MET B 93 21.27 4.05 -15.43
CA MET B 93 22.05 3.41 -14.37
C MET B 93 21.37 2.32 -13.56
N VAL B 94 20.12 2.48 -13.16
CA VAL B 94 19.12 1.45 -13.00
C VAL B 94 19.28 0.34 -14.03
N ASP B 95 19.55 0.53 -15.31
CA ASP B 95 19.96 -0.62 -16.11
C ASP B 95 21.45 -0.98 -15.98
N VAL B 96 22.31 -0.12 -15.50
CA VAL B 96 23.65 -0.62 -15.19
C VAL B 96 23.53 -1.63 -14.06
N TRP B 97 22.82 -1.34 -12.98
CA TRP B 97 22.95 -2.20 -11.81
C TRP B 97 21.89 -3.32 -11.75
N ILE B 98 20.90 -3.16 -12.67
CA ILE B 98 20.15 -4.35 -13.03
C ILE B 98 21.16 -5.30 -13.62
N GLU B 99 21.94 -4.89 -14.61
CA GLU B 99 22.74 -5.91 -15.31
C GLU B 99 23.83 -6.40 -14.40
N VAL B 100 24.31 -5.59 -13.44
CA VAL B 100 25.55 -5.91 -12.74
C VAL B 100 25.30 -7.06 -11.78
N GLU B 101 24.04 -7.23 -11.41
CA GLU B 101 23.44 -8.32 -10.69
C GLU B 101 23.49 -9.52 -11.59
N ALA B 102 22.63 -9.66 -12.58
CA ALA B 102 22.67 -10.85 -13.42
C ALA B 102 24.07 -11.32 -13.82
N ASN B 103 25.21 -10.65 -13.79
CA ASN B 103 26.33 -10.98 -14.62
C ASN B 103 27.51 -10.86 -13.64
N GLN B 104 27.28 -10.38 -12.42
CA GLN B 104 28.50 -10.18 -11.63
C GLN B 104 28.21 -10.63 -10.21
N TYR B 105 27.02 -10.29 -9.74
CA TYR B 105 26.54 -10.80 -8.44
C TYR B 105 26.10 -12.26 -8.56
N THR B 106 24.82 -12.48 -8.86
CA THR B 106 24.30 -13.81 -9.09
C THR B 106 25.28 -14.80 -9.70
N ALA B 107 25.83 -14.49 -10.85
CA ALA B 107 26.90 -15.25 -11.46
C ALA B 107 28.03 -15.69 -10.55
N ALA B 108 28.31 -15.00 -9.46
CA ALA B 108 29.27 -15.52 -8.51
C ALA B 108 28.53 -16.23 -7.39
N LEU B 109 27.29 -15.79 -7.13
CA LEU B 109 26.55 -16.36 -6.02
C LEU B 109 26.09 -17.78 -6.31
N ASN B 110 25.57 -17.93 -7.53
CA ASN B 110 24.86 -19.13 -7.95
C ASN B 110 25.71 -20.36 -7.74
N PRO B 111 26.85 -20.49 -8.43
CA PRO B 111 27.91 -21.36 -7.96
C PRO B 111 28.09 -21.55 -6.48
N ILE B 112 28.02 -20.66 -5.51
CA ILE B 112 28.15 -21.05 -4.10
C ILE B 112 26.86 -21.74 -3.64
N LEU B 113 25.73 -21.33 -4.19
CA LEU B 113 24.43 -21.66 -3.67
C LEU B 113 23.82 -22.89 -4.32
N PHE B 114 24.37 -23.39 -5.43
CA PHE B 114 23.93 -24.77 -5.73
C PHE B 114 25.02 -25.77 -5.41
N GLN B 115 25.79 -25.50 -4.36
CA GLN B 115 26.85 -26.45 -4.00
C GLN B 115 26.59 -26.73 -2.54
N VAL B 116 26.06 -25.69 -1.93
CA VAL B 116 25.72 -25.75 -0.50
C VAL B 116 24.23 -25.88 -0.26
N LEU B 117 23.42 -26.32 -1.23
CA LEU B 117 21.99 -26.21 -1.20
C LEU B 117 21.36 -26.99 -2.37
N ILE B 118 21.90 -27.02 -3.58
CA ILE B 118 21.08 -27.66 -4.63
C ILE B 118 21.63 -29.08 -4.83
N SER B 119 22.94 -29.12 -4.61
CA SER B 119 23.69 -30.32 -5.03
C SER B 119 23.47 -31.36 -3.93
N PRO B 120 23.54 -30.91 -2.67
CA PRO B 120 23.55 -31.82 -1.54
C PRO B 120 22.20 -32.49 -1.39
N MET B 121 21.19 -31.65 -1.62
CA MET B 121 19.79 -32.06 -1.66
C MET B 121 19.47 -32.74 -2.96
N LEU B 122 20.44 -33.24 -3.70
CA LEU B 122 20.21 -33.91 -4.98
C LEU B 122 21.05 -35.19 -4.92
N GLY B 123 21.81 -35.27 -3.83
CA GLY B 123 22.67 -36.38 -3.58
C GLY B 123 24.14 -36.24 -3.86
N GLY B 124 24.57 -35.14 -4.49
CA GLY B 124 26.04 -34.93 -4.71
C GLY B 124 26.49 -34.28 -3.40
N THR B 125 27.76 -34.08 -3.11
CA THR B 125 28.09 -33.11 -2.05
C THR B 125 28.73 -31.78 -2.41
N THR B 126 28.58 -30.77 -1.53
CA THR B 126 29.42 -29.57 -1.67
C THR B 126 30.78 -29.79 -2.27
N ASP B 127 31.03 -29.27 -3.47
CA ASP B 127 32.39 -29.21 -4.03
C ASP B 127 33.16 -28.00 -3.53
N GLN B 128 34.01 -28.11 -2.53
CA GLN B 128 34.51 -26.92 -1.86
C GLN B 128 35.50 -26.10 -2.66
N LYS B 129 36.28 -26.69 -3.55
CA LYS B 129 36.96 -25.93 -4.59
C LYS B 129 36.00 -24.89 -5.16
N VAL B 130 34.85 -25.33 -5.68
CA VAL B 130 34.00 -24.41 -6.45
C VAL B 130 33.27 -23.49 -5.51
N VAL B 131 33.05 -23.89 -4.26
CA VAL B 131 32.71 -22.87 -3.26
C VAL B 131 33.77 -21.80 -3.08
N ASP B 132 35.05 -22.13 -3.07
CA ASP B 132 36.10 -21.20 -2.69
C ASP B 132 36.35 -20.18 -3.80
N GLU B 133 36.73 -20.65 -4.98
CA GLU B 133 36.70 -19.93 -6.23
C GLU B 133 35.60 -18.91 -6.36
N ASN B 134 34.33 -19.11 -6.05
CA ASN B 134 33.36 -18.09 -6.42
C ASN B 134 33.20 -17.19 -5.19
N LEU B 135 33.93 -17.53 -4.12
CA LEU B 135 33.73 -16.75 -2.90
C LEU B 135 34.63 -15.51 -3.04
N GLU B 136 35.95 -15.68 -3.10
CA GLU B 136 36.81 -14.89 -3.94
C GLU B 136 36.12 -14.08 -5.03
N LYS B 137 35.61 -14.69 -6.09
CA LYS B 137 34.93 -13.92 -7.12
C LYS B 137 33.94 -12.95 -6.46
N LEU B 138 33.11 -13.48 -5.59
CA LEU B 138 32.00 -12.70 -5.01
C LEU B 138 32.57 -11.66 -4.04
N LYS B 139 33.74 -11.94 -3.47
CA LYS B 139 34.55 -10.90 -2.83
C LYS B 139 34.86 -9.70 -3.69
N LYS B 140 35.80 -9.72 -4.62
CA LYS B 140 35.93 -8.82 -5.74
C LYS B 140 34.64 -8.10 -6.09
N VAL B 141 33.62 -8.84 -6.53
CA VAL B 141 32.34 -8.26 -6.85
C VAL B 141 31.74 -7.53 -5.67
N LEU B 142 32.18 -7.82 -4.46
CA LEU B 142 31.61 -7.18 -3.29
C LEU B 142 32.35 -5.88 -2.98
N GLU B 143 33.62 -5.81 -3.32
CA GLU B 143 34.40 -4.59 -3.33
C GLU B 143 33.71 -3.43 -4.06
N VAL B 144 33.49 -3.61 -5.34
CA VAL B 144 32.74 -2.67 -6.15
C VAL B 144 31.49 -2.33 -5.37
N TYR B 145 30.53 -3.22 -5.12
CA TYR B 145 29.36 -2.85 -4.31
C TYR B 145 29.67 -1.94 -3.12
N GLU B 146 30.80 -1.95 -2.45
CA GLU B 146 31.09 -1.16 -1.28
C GLU B 146 31.40 0.30 -1.57
N ALA B 147 32.49 0.67 -2.24
CA ALA B 147 32.55 1.81 -3.15
C ALA B 147 31.25 2.39 -3.66
N ARG B 148 30.62 1.80 -4.67
CA ARG B 148 29.33 2.30 -5.13
C ARG B 148 28.49 2.83 -3.97
N LEU B 149 28.22 2.09 -2.91
CA LEU B 149 27.39 2.69 -1.87
C LEU B 149 28.20 3.32 -0.75
N THR B 150 29.54 3.27 -0.76
CA THR B 150 30.34 4.10 0.14
C THR B 150 30.15 5.56 -0.27
N LYS B 151 29.92 5.77 -1.55
CA LYS B 151 29.38 6.96 -2.15
C LYS B 151 27.86 7.06 -2.20
N CYS B 152 27.26 6.69 -3.32
CA CYS B 152 25.80 6.72 -3.47
C CYS B 152 25.14 5.95 -2.33
N LYS B 153 23.92 6.26 -1.94
CA LYS B 153 23.20 5.53 -0.90
C LYS B 153 22.60 4.23 -1.43
N TYR B 154 22.46 4.15 -2.75
CA TYR B 154 21.96 2.93 -3.38
C TYR B 154 22.75 2.52 -4.63
N LEU B 155 22.11 1.83 -5.57
CA LEU B 155 22.83 1.08 -6.58
C LEU B 155 22.76 1.76 -7.95
N ALA B 156 21.55 2.10 -8.38
CA ALA B 156 21.37 3.15 -9.37
C ALA B 156 21.39 4.57 -8.82
N GLY B 157 21.97 4.82 -7.65
CA GLY B 157 22.33 6.13 -7.19
C GLY B 157 21.73 6.49 -5.82
N ASP B 158 20.51 7.04 -5.82
CA ASP B 158 19.89 7.49 -4.57
C ASP B 158 18.37 7.37 -4.58
N PHE B 159 17.85 6.39 -5.31
CA PHE B 159 16.44 5.99 -5.31
C PHE B 159 16.22 4.48 -5.38
N LEU B 160 15.10 3.98 -4.87
CA LEU B 160 14.67 2.61 -5.10
C LEU B 160 14.40 2.22 -6.55
N SER B 161 15.33 1.52 -7.16
CA SER B 161 15.12 0.80 -8.42
C SER B 161 14.63 -0.64 -8.31
N LEU B 162 14.17 -1.18 -9.44
CA LEU B 162 14.26 -2.58 -9.81
C LEU B 162 15.64 -3.21 -9.62
N ALA B 163 16.72 -2.46 -9.78
CA ALA B 163 18.04 -3.00 -9.51
C ALA B 163 18.03 -3.53 -8.07
N ASP B 164 18.03 -2.71 -7.03
CA ASP B 164 18.13 -3.29 -5.69
C ASP B 164 17.21 -4.49 -5.44
N LEU B 165 15.90 -4.30 -5.54
CA LEU B 165 14.96 -5.39 -5.38
C LEU B 165 15.46 -6.63 -6.08
N ASN B 166 15.61 -6.71 -7.39
CA ASN B 166 16.41 -7.77 -7.96
C ASN B 166 17.55 -8.33 -7.12
N HIS B 167 18.25 -7.73 -6.18
CA HIS B 167 19.25 -8.34 -5.34
C HIS B 167 18.83 -9.32 -4.25
N VAL B 168 17.72 -9.13 -3.55
CA VAL B 168 17.27 -9.86 -2.38
C VAL B 168 16.87 -11.33 -2.59
N SER B 169 15.96 -11.73 -3.45
CA SER B 169 15.73 -13.12 -3.78
C SER B 169 16.92 -14.03 -3.48
N VAL B 170 17.97 -13.98 -4.30
CA VAL B 170 19.15 -14.80 -4.11
C VAL B 170 19.93 -14.49 -2.84
N THR B 171 19.69 -13.41 -2.13
CA THR B 171 20.66 -12.93 -1.12
C THR B 171 20.21 -13.52 0.22
N LEU B 172 18.91 -13.86 0.15
CA LEU B 172 18.20 -14.38 1.33
C LEU B 172 18.76 -15.80 1.49
N CYS B 173 18.74 -16.60 0.40
CA CYS B 173 19.52 -17.81 0.36
C CYS B 173 20.95 -17.71 0.79
N LEU B 174 21.75 -16.67 0.74
CA LEU B 174 23.04 -16.65 1.42
C LEU B 174 22.83 -16.78 2.92
N PHE B 175 21.66 -16.38 3.42
CA PHE B 175 21.53 -16.10 4.85
C PHE B 175 20.94 -17.38 5.48
N ALA B 176 20.31 -18.16 4.61
CA ALA B 176 20.27 -19.61 4.58
C ALA B 176 21.57 -20.38 4.48
N THR B 177 22.75 -19.82 4.32
CA THR B 177 23.98 -20.47 4.69
C THR B 177 24.68 -19.63 5.75
N PRO B 178 25.80 -20.18 6.21
CA PRO B 178 26.67 -19.46 7.13
C PRO B 178 27.68 -18.66 6.33
N TYR B 179 27.45 -18.58 5.03
CA TYR B 179 28.37 -17.97 4.09
C TYR B 179 28.10 -16.48 3.92
N ALA B 180 26.99 -15.98 4.45
CA ALA B 180 26.67 -14.59 4.57
C ALA B 180 27.34 -13.91 5.75
N SER B 181 28.49 -14.38 6.21
CA SER B 181 29.49 -13.54 6.86
C SER B 181 30.33 -12.68 5.94
N VAL B 182 30.38 -13.00 4.64
CA VAL B 182 31.01 -12.13 3.65
C VAL B 182 30.35 -10.77 3.68
N LEU B 183 29.02 -10.72 3.72
CA LEU B 183 28.27 -9.47 3.58
C LEU B 183 28.62 -8.42 4.62
N ASP B 184 29.37 -8.69 5.68
CA ASP B 184 29.44 -7.96 6.91
C ASP B 184 30.75 -7.17 7.07
N ALA B 185 31.78 -7.67 6.39
CA ALA B 185 33.12 -7.08 6.60
C ALA B 185 33.39 -6.02 5.53
N TYR B 186 32.49 -5.92 4.55
CA TYR B 186 32.10 -4.71 3.85
C TYR B 186 30.89 -4.03 4.49
N PRO B 187 31.16 -2.88 5.13
CA PRO B 187 30.13 -2.21 5.91
C PRO B 187 29.08 -1.51 5.10
N HIS B 188 29.28 -0.96 3.90
CA HIS B 188 28.19 -0.20 3.28
C HIS B 188 27.13 -1.07 2.62
N VAL B 189 27.50 -2.31 2.30
CA VAL B 189 26.61 -3.20 1.57
C VAL B 189 25.72 -3.98 2.55
N LYS B 190 26.39 -4.38 3.65
CA LYS B 190 25.64 -4.97 4.74
C LYS B 190 24.44 -4.10 5.09
N ALA B 191 24.72 -2.91 5.62
CA ALA B 191 23.70 -1.97 6.07
C ALA B 191 22.67 -1.65 5.01
N TRP B 192 23.06 -1.75 3.75
CA TRP B 192 22.25 -1.52 2.58
C TRP B 192 21.16 -2.59 2.57
N TRP B 193 21.61 -3.80 2.91
CA TRP B 193 20.84 -5.02 2.72
C TRP B 193 19.68 -5.03 3.71
N SER B 194 20.08 -4.91 4.97
CA SER B 194 19.23 -4.68 6.11
C SER B 194 18.06 -3.75 5.79
N GLY B 195 18.32 -2.54 5.31
CA GLY B 195 17.40 -1.73 4.56
C GLY B 195 16.36 -2.50 3.79
N LEU B 196 16.76 -3.40 2.91
CA LEU B 196 15.81 -4.06 2.02
C LEU B 196 14.97 -5.01 2.88
N MET B 197 15.65 -5.74 3.75
CA MET B 197 15.10 -6.60 4.77
C MET B 197 14.09 -5.94 5.70
N GLU B 198 14.51 -4.89 6.42
CA GLU B 198 13.56 -3.91 6.94
C GLU B 198 12.38 -3.66 6.01
N ARG B 199 12.60 -3.19 4.78
CA ARG B 199 11.45 -3.00 3.90
C ARG B 199 10.60 -4.28 4.01
N PRO B 200 9.28 -4.08 3.97
CA PRO B 200 8.36 -5.16 4.25
C PRO B 200 7.81 -5.83 3.00
N SER B 201 8.65 -6.01 1.97
CA SER B 201 8.27 -6.96 0.93
C SER B 201 9.35 -8.02 0.73
N VAL B 202 10.62 -7.66 0.92
CA VAL B 202 11.59 -8.66 1.41
C VAL B 202 10.96 -9.53 2.48
N GLN B 203 10.37 -9.00 3.55
CA GLN B 203 9.75 -9.80 4.58
C GLN B 203 8.63 -10.74 4.12
N LYS B 204 7.67 -10.36 3.27
CA LYS B 204 6.76 -11.39 2.77
C LYS B 204 7.52 -12.48 2.00
N VAL B 205 8.51 -12.05 1.23
CA VAL B 205 9.38 -12.89 0.43
C VAL B 205 10.23 -13.75 1.33
N ALA B 206 10.74 -13.20 2.44
CA ALA B 206 11.81 -13.76 3.24
C ALA B 206 11.27 -14.74 4.30
N ALA B 207 10.03 -15.11 4.07
CA ALA B 207 9.14 -15.97 4.78
C ALA B 207 8.27 -16.69 3.74
N LEU B 208 8.01 -16.10 2.58
CA LEU B 208 7.52 -16.83 1.41
C LEU B 208 8.22 -18.17 1.23
N MET B 209 9.55 -18.16 1.23
CA MET B 209 10.36 -19.28 0.76
C MET B 209 11.06 -19.95 1.94
N LYS B 210 11.07 -19.28 3.09
CA LYS B 210 11.57 -19.84 4.34
C LYS B 210 10.91 -21.13 4.77
N PRO B 211 9.58 -21.15 4.89
CA PRO B 211 8.82 -22.29 5.37
C PRO B 211 9.14 -23.64 4.77
N SER B 212 9.12 -23.69 3.43
CA SER B 212 8.98 -24.97 2.75
C SER B 212 10.28 -25.35 2.07
N ALA B 213 10.90 -24.48 1.27
CA ALA B 213 12.23 -24.81 0.71
C ALA B 213 13.15 -23.62 0.50
N ALA C 1 -38.74 33.78 15.33
CA ALA C 1 -37.45 33.73 14.60
C ALA C 1 -36.34 33.29 15.51
N PRO C 2 -36.43 33.52 16.80
CA PRO C 2 -35.44 32.84 17.68
C PRO C 2 -35.62 31.33 17.47
N MET C 3 -34.53 30.58 17.60
CA MET C 3 -34.48 29.16 17.22
C MET C 3 -34.96 28.28 18.37
N LYS C 4 -35.94 27.41 18.05
CA LYS C 4 -36.69 26.80 19.21
C LYS C 4 -35.95 25.56 19.72
N LEU C 5 -35.49 25.54 20.97
CA LEU C 5 -34.93 24.30 21.53
C LEU C 5 -35.83 23.37 22.36
N TYR C 6 -36.45 22.36 21.74
CA TYR C 6 -37.39 21.49 22.47
C TYR C 6 -36.84 20.36 23.37
N GLY C 7 -37.17 20.30 24.67
CA GLY C 7 -36.20 19.82 25.65
C GLY C 7 -36.34 19.98 27.15
N ALA C 8 -36.39 18.89 27.92
CA ALA C 8 -36.38 19.13 29.39
C ALA C 8 -35.06 19.77 29.77
N VAL C 9 -35.03 20.92 30.45
CA VAL C 9 -33.83 21.48 31.05
C VAL C 9 -33.02 20.55 31.93
N MET C 10 -33.77 19.71 32.62
CA MET C 10 -33.27 18.59 33.36
C MET C 10 -32.33 17.69 32.56
N SER C 11 -32.65 17.43 31.29
CA SER C 11 -31.88 16.40 30.55
C SER C 11 -30.47 16.88 30.32
N TRP C 12 -29.35 16.24 30.63
CA TRP C 12 -28.08 16.94 30.51
C TRP C 12 -27.55 16.93 29.08
N ASN C 13 -28.26 16.35 28.16
CA ASN C 13 -27.94 16.20 26.76
C ASN C 13 -28.64 17.39 26.10
N LEU C 14 -29.61 17.84 26.90
CA LEU C 14 -30.30 19.09 26.68
C LEU C 14 -29.48 20.29 27.13
N THR C 15 -28.85 20.25 28.28
CA THR C 15 -28.16 21.41 28.81
C THR C 15 -26.86 21.55 28.02
N ARG C 16 -26.30 20.46 27.50
CA ARG C 16 -25.22 20.53 26.54
C ARG C 16 -25.54 21.49 25.38
N CYS C 17 -26.66 21.31 24.71
CA CYS C 17 -27.13 22.16 23.63
C CYS C 17 -27.31 23.65 23.91
N ALA C 18 -28.06 24.05 24.93
CA ALA C 18 -27.74 25.20 25.75
C ALA C 18 -26.32 25.70 25.68
N THR C 19 -25.31 25.00 26.17
CA THR C 19 -23.96 25.58 26.13
C THR C 19 -23.46 25.91 24.75
N ALA C 20 -23.74 25.11 23.69
CA ALA C 20 -23.31 25.54 22.36
C ALA C 20 -24.04 26.86 22.06
N LEU C 21 -25.31 26.88 22.45
CA LEU C 21 -26.28 27.82 21.89
C LEU C 21 -25.83 29.12 22.58
N GLU C 22 -25.54 28.98 23.88
CA GLU C 22 -25.08 30.17 24.58
C GLU C 22 -23.78 30.66 24.00
N GLU C 23 -22.65 29.99 24.07
CA GLU C 23 -21.35 30.65 23.88
C GLU C 23 -21.11 31.11 22.45
N ALA C 24 -22.06 31.01 21.55
CA ALA C 24 -21.96 31.18 20.12
C ALA C 24 -22.94 32.32 19.76
N GLY C 25 -23.55 32.74 20.86
CA GLY C 25 -24.58 33.76 20.94
C GLY C 25 -25.66 33.47 19.92
N SER C 26 -26.14 32.24 19.96
CA SER C 26 -27.33 31.89 19.17
C SER C 26 -28.55 32.52 19.79
N ASP C 27 -29.52 32.80 18.93
CA ASP C 27 -30.76 33.45 19.36
C ASP C 27 -31.81 32.34 19.45
N TYR C 28 -32.06 31.92 20.70
CA TYR C 28 -33.01 30.79 20.78
C TYR C 28 -33.99 30.89 21.94
N GLU C 29 -34.89 29.89 21.94
CA GLU C 29 -35.76 29.71 23.14
C GLU C 29 -35.94 28.22 23.34
N ILE C 30 -35.69 27.73 24.54
CA ILE C 30 -36.10 26.40 24.98
C ILE C 30 -37.55 26.30 25.45
N VAL C 31 -38.53 26.05 24.59
CA VAL C 31 -39.72 25.26 24.68
C VAL C 31 -39.68 23.89 25.34
N PRO C 32 -40.20 23.72 26.56
CA PRO C 32 -40.11 22.44 27.25
C PRO C 32 -41.10 21.41 26.71
N ILE C 33 -40.66 20.14 26.72
CA ILE C 33 -41.45 19.00 26.27
C ILE C 33 -41.66 18.08 27.46
N ASN C 34 -42.78 17.37 27.54
CA ASN C 34 -43.21 16.57 28.66
C ASN C 34 -43.34 15.06 28.41
N PHE C 35 -42.62 14.33 29.22
CA PHE C 35 -42.59 12.90 29.44
C PHE C 35 -43.85 12.16 29.85
N ALA C 36 -44.33 12.27 31.07
CA ALA C 36 -45.70 12.33 31.51
C ALA C 36 -46.83 12.55 30.53
N THR C 37 -46.80 13.47 29.57
CA THR C 37 -47.86 13.52 28.56
C THR C 37 -47.49 12.72 27.32
N ALA C 38 -46.29 12.16 27.34
CA ALA C 38 -45.54 11.68 26.20
C ALA C 38 -45.84 12.48 24.93
N GLU C 39 -45.32 13.71 24.91
CA GLU C 39 -45.42 14.59 23.75
C GLU C 39 -44.16 14.52 22.89
N HIS C 40 -43.06 14.09 23.50
CA HIS C 40 -41.93 13.47 22.81
C HIS C 40 -42.38 12.35 21.89
N LYS C 41 -43.33 11.53 22.32
CA LYS C 41 -43.98 10.59 21.41
C LYS C 41 -45.12 11.22 20.62
N SER C 42 -45.81 12.24 21.11
CA SER C 42 -46.72 13.04 20.30
C SER C 42 -46.13 13.59 19.01
N PRO C 43 -46.90 13.56 17.93
CA PRO C 43 -46.36 13.62 16.57
C PRO C 43 -46.05 15.06 16.17
N GLU C 44 -46.66 15.95 16.94
CA GLU C 44 -46.14 17.26 17.31
C GLU C 44 -44.62 17.22 17.43
N HIS C 45 -44.03 16.67 18.49
CA HIS C 45 -42.60 16.36 18.53
C HIS C 45 -42.10 15.25 17.64
N LEU C 46 -42.88 14.53 16.85
CA LEU C 46 -42.37 13.53 15.93
C LEU C 46 -41.83 14.16 14.66
N VAL C 47 -42.13 15.41 14.37
CA VAL C 47 -41.74 16.02 13.10
C VAL C 47 -40.34 16.60 13.26
N ARG C 48 -39.98 17.00 14.47
CA ARG C 48 -38.60 17.52 14.61
C ARG C 48 -37.70 16.27 14.64
N ASN C 49 -37.99 15.52 15.70
CA ASN C 49 -37.35 14.26 16.00
C ASN C 49 -38.14 13.01 15.60
N PRO C 50 -37.69 12.40 14.51
CA PRO C 50 -38.12 11.09 14.09
C PRO C 50 -38.13 10.05 15.18
N PHE C 51 -37.05 9.87 15.92
CA PHE C 51 -36.95 8.97 17.04
C PHE C 51 -37.68 9.30 18.30
N GLY C 52 -38.72 10.11 18.36
CA GLY C 52 -39.46 10.26 19.59
C GLY C 52 -38.69 10.83 20.76
N GLN C 53 -37.49 11.36 20.66
CA GLN C 53 -36.74 11.82 21.81
C GLN C 53 -36.19 13.25 21.75
N VAL C 54 -36.07 13.89 22.92
CA VAL C 54 -35.42 15.21 22.94
C VAL C 54 -33.92 15.03 23.09
N PRO C 55 -33.12 15.76 22.28
CA PRO C 55 -33.57 17.12 21.92
C PRO C 55 -33.74 17.16 20.42
N ALA C 56 -34.71 18.00 20.01
CA ALA C 56 -34.50 18.74 18.77
C ALA C 56 -34.42 20.25 18.99
N LEU C 57 -34.26 20.87 17.82
CA LEU C 57 -33.98 22.29 17.64
C LEU C 57 -34.75 22.75 16.41
N GLN C 58 -35.70 23.64 16.66
CA GLN C 58 -36.48 24.15 15.50
C GLN C 58 -35.84 25.44 15.02
N ASP C 59 -35.50 25.51 13.74
CA ASP C 59 -34.93 26.74 13.20
C ASP C 59 -35.63 27.23 11.94
N GLY C 60 -36.68 28.05 12.13
CA GLY C 60 -37.62 28.24 11.05
C GLY C 60 -38.22 26.93 10.55
N ASP C 61 -37.61 26.30 9.57
CA ASP C 61 -38.21 25.10 8.98
C ASP C 61 -37.03 24.15 8.81
N LEU C 62 -36.05 24.42 9.70
CA LEU C 62 -35.09 23.38 10.00
C LEU C 62 -35.51 22.62 11.27
N TYR C 63 -35.66 21.31 11.04
CA TYR C 63 -35.67 20.43 12.20
C TYR C 63 -34.37 19.66 12.32
N LEU C 64 -33.80 19.66 13.50
CA LEU C 64 -32.52 18.98 13.68
C LEU C 64 -32.57 18.22 14.99
N PHE C 65 -31.88 17.07 15.06
CA PHE C 65 -31.86 16.41 16.37
C PHE C 65 -30.57 15.68 16.67
N GLU C 66 -30.41 15.04 17.82
CA GLU C 66 -29.15 14.78 18.45
C GLU C 66 -28.35 15.99 18.97
N SER C 67 -27.94 15.90 20.26
CA SER C 67 -27.38 17.06 20.90
C SER C 67 -26.14 17.51 20.16
N ARG C 68 -25.22 16.59 19.86
CA ARG C 68 -23.94 17.01 19.27
C ARG C 68 -24.15 17.56 17.86
N ALA C 69 -25.13 17.10 17.09
CA ALA C 69 -25.41 17.55 15.74
C ALA C 69 -25.98 18.98 15.83
N ILE C 70 -26.73 19.21 16.90
CA ILE C 70 -27.38 20.49 17.15
C ILE C 70 -26.25 21.42 17.60
N CYS C 71 -25.33 20.93 18.42
CA CYS C 71 -24.32 21.80 19.02
C CYS C 71 -23.45 22.51 17.97
N LYS C 72 -23.16 21.77 16.90
CA LYS C 72 -22.32 22.30 15.84
C LYS C 72 -23.08 23.36 15.04
N TYR C 73 -24.40 23.23 14.95
CA TYR C 73 -25.26 24.18 14.25
C TYR C 73 -25.16 25.54 14.94
N ALA C 74 -25.15 25.50 16.29
CA ALA C 74 -24.89 26.74 17.00
C ALA C 74 -23.54 27.26 16.50
N ALA C 75 -22.53 26.37 16.50
CA ALA C 75 -21.17 26.80 16.20
C ALA C 75 -21.23 27.35 14.78
N ARG C 76 -21.42 26.44 13.84
CA ARG C 76 -21.44 26.75 12.43
C ARG C 76 -22.32 27.91 12.04
N LYS C 77 -23.36 28.30 12.73
CA LYS C 77 -24.30 29.29 12.24
C LYS C 77 -23.92 30.67 12.80
N ASN C 78 -23.63 30.63 14.08
CA ASN C 78 -23.38 31.80 14.86
C ASN C 78 -21.91 32.01 15.17
N LYS C 79 -20.96 31.14 14.90
CA LYS C 79 -19.67 31.37 15.55
C LYS C 79 -18.64 30.36 15.14
N PRO C 80 -18.27 30.35 13.85
CA PRO C 80 -17.59 29.19 13.27
C PRO C 80 -16.18 29.02 13.77
N GLU C 81 -15.74 29.99 14.53
CA GLU C 81 -14.51 30.05 15.26
C GLU C 81 -14.43 28.82 16.14
N LEU C 82 -15.53 28.23 16.61
CA LEU C 82 -15.58 27.17 17.58
C LEU C 82 -15.30 25.81 16.94
N LEU C 83 -15.65 25.70 15.67
CA LEU C 83 -15.22 24.58 14.88
C LEU C 83 -13.90 24.73 14.16
N ARG C 84 -13.20 25.86 14.27
CA ARG C 84 -12.17 26.23 13.30
C ARG C 84 -12.45 25.80 11.87
N GLU C 85 -13.65 26.09 11.35
CA GLU C 85 -13.84 26.28 9.92
C GLU C 85 -12.78 27.15 9.27
N GLY C 86 -12.13 26.57 8.27
CA GLY C 86 -11.30 27.37 7.34
C GLY C 86 -9.92 26.71 7.40
N ASN C 87 -9.43 26.73 8.64
CA ASN C 87 -8.13 26.08 8.86
C ASN C 87 -8.29 24.66 9.38
N LEU C 88 -7.71 23.67 8.70
CA LEU C 88 -8.09 22.29 8.61
C LEU C 88 -7.60 21.39 9.73
N GLU C 89 -6.29 21.09 9.77
CA GLU C 89 -5.75 20.58 11.01
C GLU C 89 -6.43 21.02 12.29
N GLU C 90 -6.91 22.21 12.56
CA GLU C 90 -7.34 22.60 13.90
C GLU C 90 -8.83 22.21 13.95
N ALA C 91 -9.39 21.99 12.75
CA ALA C 91 -10.66 21.33 12.55
C ALA C 91 -10.66 19.81 12.37
N ALA C 92 -9.98 19.11 13.28
CA ALA C 92 -9.33 17.84 12.99
C ALA C 92 -8.96 17.35 14.40
N MET C 93 -8.35 18.25 15.16
CA MET C 93 -8.36 18.14 16.59
C MET C 93 -9.56 18.75 17.28
N VAL C 94 -10.63 19.12 16.64
CA VAL C 94 -11.81 19.59 17.39
C VAL C 94 -12.86 18.48 17.32
N ASP C 95 -12.93 17.87 16.14
CA ASP C 95 -13.57 16.65 15.78
C ASP C 95 -13.09 15.51 16.70
N VAL C 96 -11.95 14.83 16.52
CA VAL C 96 -11.29 14.16 17.62
C VAL C 96 -11.75 14.63 18.98
N TRP C 97 -11.38 15.64 19.73
CA TRP C 97 -11.87 15.83 21.10
C TRP C 97 -13.35 16.09 21.16
N ILE C 98 -14.08 15.88 20.05
CA ILE C 98 -15.53 15.86 20.15
C ILE C 98 -16.07 14.43 20.24
N GLU C 99 -15.30 13.52 19.66
CA GLU C 99 -15.51 12.11 19.87
C GLU C 99 -14.94 11.52 21.15
N VAL C 100 -13.83 11.93 21.71
CA VAL C 100 -13.42 11.65 23.07
C VAL C 100 -14.42 12.17 24.07
N GLU C 101 -15.14 13.27 23.85
CA GLU C 101 -16.23 13.62 24.77
C GLU C 101 -17.20 12.44 24.90
N ALA C 102 -17.60 11.85 23.79
CA ALA C 102 -18.79 11.09 23.57
C ALA C 102 -18.55 9.63 24.01
N ASN C 103 -17.31 9.23 23.81
CA ASN C 103 -16.88 7.85 23.90
C ASN C 103 -15.95 7.57 25.08
N GLN C 104 -15.50 8.58 25.80
CA GLN C 104 -14.55 8.26 26.86
C GLN C 104 -14.88 9.08 28.10
N TYR C 105 -15.23 10.36 27.94
CA TYR C 105 -15.36 11.14 29.18
C TYR C 105 -16.77 10.89 29.72
N THR C 106 -17.77 11.04 28.83
CA THR C 106 -19.13 10.86 29.36
C THR C 106 -19.66 9.42 29.34
N ALA C 107 -19.21 8.57 28.40
CA ALA C 107 -19.48 7.14 28.43
C ALA C 107 -19.13 6.49 29.77
N ALA C 108 -17.99 6.84 30.35
CA ALA C 108 -17.67 6.42 31.70
C ALA C 108 -18.15 7.41 32.74
N LEU C 109 -19.34 7.96 32.63
CA LEU C 109 -19.67 9.14 33.45
C LEU C 109 -21.19 9.30 33.44
N ASN C 110 -21.73 8.88 32.30
CA ASN C 110 -23.18 8.68 32.15
C ASN C 110 -23.70 7.72 33.20
N PRO C 111 -23.54 6.40 33.06
CA PRO C 111 -23.80 5.42 34.11
C PRO C 111 -23.50 5.83 35.53
N ILE C 112 -22.30 6.24 35.94
CA ILE C 112 -22.18 6.94 37.23
C ILE C 112 -23.32 7.93 37.47
N LEU C 113 -23.55 8.88 36.54
CA LEU C 113 -24.66 9.82 36.70
C LEU C 113 -25.97 9.08 36.98
N PHE C 114 -26.36 8.12 36.14
CA PHE C 114 -27.67 7.49 36.22
C PHE C 114 -27.82 6.69 37.49
N GLN C 115 -26.83 5.92 37.92
CA GLN C 115 -26.91 5.28 39.24
C GLN C 115 -27.31 6.18 40.40
N VAL C 116 -26.81 7.39 40.51
CA VAL C 116 -26.97 8.23 41.67
C VAL C 116 -28.02 9.32 41.50
N LEU C 117 -28.37 9.70 40.28
CA LEU C 117 -29.35 10.72 39.99
C LEU C 117 -30.65 10.20 39.38
N ILE C 118 -30.50 9.58 38.21
CA ILE C 118 -31.68 9.11 37.46
C ILE C 118 -32.17 7.82 38.07
N SER C 119 -31.37 6.92 38.65
CA SER C 119 -31.93 5.70 39.24
C SER C 119 -32.83 5.96 40.45
N PRO C 120 -32.38 6.76 41.41
CA PRO C 120 -33.05 6.80 42.70
C PRO C 120 -34.42 7.46 42.70
N MET C 121 -34.46 8.66 42.15
CA MET C 121 -35.72 9.36 41.89
C MET C 121 -36.60 8.55 40.94
N LEU C 122 -36.03 7.68 40.12
CA LEU C 122 -36.69 6.60 39.42
C LEU C 122 -37.12 5.39 40.25
N GLY C 123 -36.61 5.19 41.45
CA GLY C 123 -37.11 4.17 42.35
C GLY C 123 -36.27 2.91 42.46
N GLY C 124 -35.32 2.65 41.57
CA GLY C 124 -34.16 1.85 41.94
C GLY C 124 -33.35 2.60 42.99
N THR C 125 -32.03 2.53 42.91
CA THR C 125 -31.15 2.40 44.07
C THR C 125 -29.71 2.29 43.56
N THR C 126 -28.68 2.72 44.31
CA THR C 126 -27.44 3.07 43.60
C THR C 126 -26.67 1.75 43.49
N ASP C 127 -26.52 1.20 42.29
CA ASP C 127 -25.62 0.05 42.22
C ASP C 127 -24.18 0.52 42.31
N GLN C 128 -23.54 0.42 43.46
CA GLN C 128 -22.23 1.03 43.68
C GLN C 128 -21.12 0.18 43.10
N LYS C 129 -21.22 -0.32 41.89
CA LYS C 129 -20.23 -1.18 41.29
C LYS C 129 -20.32 -0.91 39.80
N VAL C 130 -21.46 -0.53 39.23
CA VAL C 130 -21.35 0.36 38.06
C VAL C 130 -20.58 1.65 38.40
N VAL C 131 -21.16 2.48 39.27
CA VAL C 131 -20.39 3.48 40.00
C VAL C 131 -18.92 3.16 40.10
N ASP C 132 -18.49 2.21 40.91
CA ASP C 132 -17.05 2.08 41.14
C ASP C 132 -16.33 1.47 39.94
N GLU C 133 -17.01 0.79 39.02
CA GLU C 133 -16.40 0.21 37.83
C GLU C 133 -15.93 1.36 36.93
N ASN C 134 -16.82 2.32 36.80
CA ASN C 134 -16.81 3.33 35.74
C ASN C 134 -16.08 4.57 36.26
N LEU C 135 -16.13 4.76 37.58
CA LEU C 135 -15.26 5.66 38.32
C LEU C 135 -13.80 5.25 38.21
N GLU C 136 -13.50 3.95 38.11
CA GLU C 136 -12.21 3.50 37.62
C GLU C 136 -11.95 3.89 36.17
N LYS C 137 -13.00 3.94 35.35
CA LYS C 137 -12.82 4.11 33.91
C LYS C 137 -12.59 5.57 33.55
N LEU C 138 -13.46 6.51 33.90
CA LEU C 138 -13.17 7.92 34.12
C LEU C 138 -11.80 8.32 34.67
N LYS C 139 -11.21 7.59 35.60
CA LYS C 139 -10.01 7.98 36.33
C LYS C 139 -8.78 7.56 35.57
N LYS C 140 -8.99 6.62 34.66
CA LYS C 140 -7.97 6.23 33.69
C LYS C 140 -8.20 7.15 32.48
N VAL C 141 -9.38 7.77 32.44
CA VAL C 141 -9.68 8.76 31.42
C VAL C 141 -9.15 10.14 31.77
N LEU C 142 -9.19 10.59 33.02
CA LEU C 142 -8.54 11.83 33.42
C LEU C 142 -7.02 11.84 33.32
N GLU C 143 -6.29 10.76 33.15
CA GLU C 143 -4.85 10.82 33.04
C GLU C 143 -4.43 11.06 31.59
N VAL C 144 -5.22 10.61 30.63
CA VAL C 144 -5.10 11.14 29.26
C VAL C 144 -5.41 12.63 29.20
N TYR C 145 -6.51 13.12 29.76
CA TYR C 145 -6.94 14.48 29.81
C TYR C 145 -6.04 15.39 30.64
N GLU C 146 -4.99 14.90 31.26
CA GLU C 146 -4.09 15.82 31.98
C GLU C 146 -2.73 15.73 31.29
N ALA C 147 -2.62 14.77 30.34
CA ALA C 147 -1.51 14.90 29.40
C ALA C 147 -1.84 16.15 28.57
N ARG C 148 -3.08 16.18 28.10
CA ARG C 148 -3.55 17.06 27.06
C ARG C 148 -3.61 18.48 27.60
N LEU C 149 -4.17 18.65 28.79
CA LEU C 149 -4.12 19.91 29.51
C LEU C 149 -2.81 20.21 30.21
N THR C 150 -1.70 19.61 29.85
CA THR C 150 -0.37 19.93 30.33
C THR C 150 0.35 20.58 29.13
N LYS C 151 0.20 19.93 27.98
CA LYS C 151 0.86 20.33 26.75
C LYS C 151 -0.05 21.19 25.89
N CYS C 152 -1.28 21.49 26.29
CA CYS C 152 -2.18 22.38 25.61
C CYS C 152 -3.10 23.14 26.56
N LYS C 153 -3.76 24.18 26.05
CA LYS C 153 -4.49 25.09 26.95
C LYS C 153 -5.83 24.38 27.23
N TYR C 154 -6.46 24.03 26.12
CA TYR C 154 -7.82 23.52 26.05
C TYR C 154 -7.72 22.24 25.21
N LEU C 155 -8.78 21.58 24.75
CA LEU C 155 -8.57 20.16 24.42
C LEU C 155 -8.01 20.17 23.00
N ALA C 156 -8.64 20.95 22.11
CA ALA C 156 -8.40 20.76 20.68
C ALA C 156 -7.13 21.48 20.25
N GLY C 157 -6.61 22.30 21.14
CA GLY C 157 -5.22 22.65 21.27
C GLY C 157 -5.25 23.92 22.17
N ASP C 158 -4.73 25.02 21.61
CA ASP C 158 -4.66 26.26 22.35
C ASP C 158 -5.88 27.15 22.44
N PHE C 159 -6.84 27.08 21.55
CA PHE C 159 -8.13 27.74 21.62
C PHE C 159 -9.26 27.07 22.37
N LEU C 160 -10.31 27.72 22.86
CA LEU C 160 -11.55 27.03 23.20
C LEU C 160 -12.36 26.62 21.98
N SER C 161 -12.92 25.39 22.00
CA SER C 161 -13.72 24.97 20.86
C SER C 161 -14.95 24.20 21.37
N LEU C 162 -15.72 23.73 20.37
CA LEU C 162 -16.78 22.80 20.69
C LEU C 162 -16.34 21.62 21.54
N ALA C 163 -15.33 20.86 21.15
CA ALA C 163 -14.61 20.02 22.08
C ALA C 163 -14.75 20.47 23.52
N ASP C 164 -14.11 21.50 24.04
CA ASP C 164 -14.30 21.92 25.43
C ASP C 164 -15.76 22.10 25.85
N LEU C 165 -16.65 22.49 24.96
CA LEU C 165 -17.94 23.05 25.21
C LEU C 165 -18.93 21.93 25.46
N ASN C 166 -18.79 20.86 24.69
CA ASN C 166 -19.43 19.56 24.93
C ASN C 166 -19.19 18.86 26.24
N HIS C 167 -18.04 19.02 26.92
CA HIS C 167 -17.86 18.44 28.23
C HIS C 167 -18.72 19.11 29.27
N VAL C 168 -19.52 20.16 29.05
CA VAL C 168 -19.85 20.99 30.21
C VAL C 168 -21.15 20.41 30.80
N SER C 169 -22.07 19.96 29.98
CA SER C 169 -23.27 19.25 30.39
C SER C 169 -22.98 18.35 31.60
N VAL C 170 -22.14 17.35 31.30
CA VAL C 170 -21.98 16.22 32.21
C VAL C 170 -21.12 16.62 33.40
N THR C 171 -20.22 17.59 33.30
CA THR C 171 -19.40 17.89 34.49
C THR C 171 -20.18 18.75 35.47
N LEU C 172 -21.29 19.35 35.07
CA LEU C 172 -22.10 20.16 35.98
C LEU C 172 -22.80 19.20 36.94
N CYS C 173 -23.35 18.13 36.34
CA CYS C 173 -24.06 17.09 37.06
C CYS C 173 -23.08 16.16 37.76
N LEU C 174 -21.90 15.83 37.24
CA LEU C 174 -20.85 15.26 38.07
C LEU C 174 -20.60 16.08 39.33
N PHE C 175 -21.00 17.34 39.44
CA PHE C 175 -20.85 18.13 40.64
C PHE C 175 -22.07 18.08 41.55
N ALA C 176 -23.18 17.45 41.17
CA ALA C 176 -24.33 17.32 42.07
C ALA C 176 -24.34 16.02 42.84
N THR C 177 -23.36 15.19 42.58
CA THR C 177 -23.11 13.87 43.11
C THR C 177 -21.93 14.07 44.07
N PRO C 178 -21.32 12.99 44.53
CA PRO C 178 -20.15 13.13 45.40
C PRO C 178 -18.90 12.59 44.75
N TYR C 179 -18.89 12.50 43.42
CA TYR C 179 -17.70 12.00 42.73
C TYR C 179 -17.00 13.07 41.92
N ALA C 180 -17.47 14.31 42.00
CA ALA C 180 -16.76 15.49 41.54
C ALA C 180 -15.72 15.96 42.56
N SER C 181 -15.49 15.24 43.64
CA SER C 181 -14.13 15.07 44.15
C SER C 181 -13.15 14.30 43.31
N VAL C 182 -13.43 13.65 42.17
CA VAL C 182 -12.37 12.96 41.45
C VAL C 182 -11.40 13.88 40.70
N LEU C 183 -11.75 15.16 40.55
CA LEU C 183 -11.08 16.18 39.79
C LEU C 183 -9.81 16.78 40.37
N ASP C 184 -9.67 16.88 41.67
CA ASP C 184 -8.60 17.46 42.45
C ASP C 184 -7.23 16.79 42.41
N ALA C 185 -7.08 15.77 41.59
CA ALA C 185 -5.89 14.94 41.49
C ALA C 185 -5.30 15.15 40.10
N TYR C 186 -6.11 15.83 39.27
CA TYR C 186 -5.67 16.29 37.96
C TYR C 186 -5.84 17.81 37.82
N PRO C 187 -4.79 18.56 38.19
CA PRO C 187 -4.87 20.00 38.42
C PRO C 187 -4.93 20.79 37.13
N HIS C 188 -4.10 20.42 36.15
CA HIS C 188 -4.37 20.87 34.78
C HIS C 188 -5.81 20.65 34.34
N VAL C 189 -6.37 19.46 34.54
CA VAL C 189 -7.76 19.21 34.18
C VAL C 189 -8.63 20.12 35.04
N LYS C 190 -8.22 20.32 36.29
CA LYS C 190 -9.12 20.90 37.28
C LYS C 190 -9.09 22.42 37.07
N ALA C 191 -7.93 22.87 36.60
CA ALA C 191 -7.69 24.22 36.13
C ALA C 191 -8.50 24.55 34.89
N TRP C 192 -8.36 23.82 33.79
CA TRP C 192 -9.33 23.90 32.69
C TRP C 192 -10.81 23.79 33.01
N TRP C 193 -11.21 23.24 34.16
CA TRP C 193 -12.66 23.15 34.38
C TRP C 193 -13.02 24.48 35.05
N SER C 194 -12.04 25.06 35.73
CA SER C 194 -12.30 26.25 36.56
C SER C 194 -12.43 27.50 35.68
N GLY C 195 -11.43 27.72 34.82
CA GLY C 195 -11.56 28.05 33.43
C GLY C 195 -12.94 27.93 32.85
N LEU C 196 -13.34 26.73 32.36
CA LEU C 196 -14.64 26.60 31.70
C LEU C 196 -15.74 27.15 32.60
N MET C 197 -15.61 26.83 33.89
CA MET C 197 -16.52 27.25 34.95
C MET C 197 -16.77 28.76 34.94
N GLU C 198 -15.73 29.57 34.86
CA GLU C 198 -15.78 31.01 34.73
C GLU C 198 -16.57 31.68 33.63
N ARG C 199 -16.64 31.24 32.40
CA ARG C 199 -17.39 31.91 31.35
C ARG C 199 -18.86 32.09 31.70
N PRO C 200 -19.44 33.14 31.12
CA PRO C 200 -20.87 33.40 31.23
C PRO C 200 -21.73 32.20 30.93
N SER C 201 -21.57 31.60 29.76
CA SER C 201 -22.53 30.65 29.21
C SER C 201 -22.55 29.39 30.05
N VAL C 202 -21.37 28.77 30.20
CA VAL C 202 -21.15 27.87 31.33
C VAL C 202 -22.02 28.24 32.52
N GLN C 203 -21.90 29.38 33.19
CA GLN C 203 -22.54 29.52 34.49
C GLN C 203 -24.01 29.99 34.41
N LYS C 204 -24.63 29.92 33.24
CA LYS C 204 -26.05 30.23 33.15
C LYS C 204 -26.87 29.01 32.75
N VAL C 205 -26.28 28.12 31.94
CA VAL C 205 -26.64 26.71 31.93
C VAL C 205 -26.69 26.18 33.34
N ALA C 206 -25.68 26.33 34.19
CA ALA C 206 -25.84 26.13 35.63
C ALA C 206 -27.19 26.61 36.12
N ALA C 207 -27.52 27.88 35.87
CA ALA C 207 -28.68 28.52 36.50
C ALA C 207 -29.96 27.88 35.99
N LEU C 208 -29.93 27.54 34.72
CA LEU C 208 -30.91 26.82 33.94
C LEU C 208 -31.19 25.46 34.57
N MET C 209 -30.11 24.78 34.89
CA MET C 209 -30.09 23.38 35.29
C MET C 209 -30.37 23.26 36.78
N LYS C 210 -31.64 23.41 37.11
CA LYS C 210 -32.15 23.52 38.46
C LYS C 210 -31.82 24.84 39.14
N PRO C 211 -32.70 25.83 38.93
CA PRO C 211 -32.57 27.18 39.44
C PRO C 211 -32.76 27.46 40.91
N SER C 212 -33.99 27.50 41.42
CA SER C 212 -34.23 27.43 42.86
C SER C 212 -33.84 26.07 43.40
N ALA C 213 -34.48 25.03 42.89
CA ALA C 213 -33.96 23.67 42.82
C ALA C 213 -32.48 23.54 43.14
N ALA D 1 4.96 9.94 1.87
CA ALA D 1 4.40 9.13 3.00
C ALA D 1 2.88 9.25 2.97
N PRO D 2 2.20 8.30 2.34
CA PRO D 2 0.74 8.30 2.29
C PRO D 2 0.26 8.19 3.73
N MET D 3 -1.03 8.37 4.01
CA MET D 3 -1.38 8.32 5.45
C MET D 3 -1.25 6.85 5.86
N LYS D 4 -0.79 6.57 7.09
CA LYS D 4 -0.96 5.21 7.65
C LYS D 4 -2.16 5.00 8.56
N LEU D 5 -3.16 4.21 8.21
CA LEU D 5 -4.30 3.82 9.05
C LEU D 5 -3.99 2.57 9.88
N TYR D 6 -3.48 2.84 11.07
CA TYR D 6 -3.28 1.90 12.15
C TYR D 6 -4.46 1.00 12.40
N GLY D 7 -4.16 -0.30 12.61
CA GLY D 7 -5.18 -1.24 13.04
C GLY D 7 -5.56 -2.18 11.90
N ALA D 8 -6.35 -3.20 12.25
CA ALA D 8 -6.56 -4.37 11.40
C ALA D 8 -7.93 -4.28 10.77
N VAL D 9 -8.19 -5.11 9.78
CA VAL D 9 -9.46 -5.07 9.06
C VAL D 9 -10.56 -5.84 9.75
N MET D 10 -10.32 -6.20 11.01
CA MET D 10 -11.30 -6.93 11.81
C MET D 10 -12.29 -5.86 12.30
N SER D 11 -11.77 -4.70 12.69
CA SER D 11 -12.67 -3.75 13.38
C SER D 11 -13.55 -3.03 12.38
N TRP D 12 -14.86 -3.01 12.66
CA TRP D 12 -15.74 -2.26 11.74
C TRP D 12 -15.61 -0.76 12.00
N ASN D 13 -15.20 -0.28 13.16
CA ASN D 13 -14.48 0.93 13.43
C ASN D 13 -13.31 1.29 12.52
N LEU D 14 -12.29 0.46 12.67
CA LEU D 14 -11.20 0.51 11.72
C LEU D 14 -11.52 0.75 10.26
N THR D 15 -12.52 0.09 9.73
CA THR D 15 -12.68 -0.20 8.31
C THR D 15 -13.68 0.85 7.82
N ARG D 16 -14.14 1.58 8.85
CA ARG D 16 -15.03 2.72 8.68
C ARG D 16 -14.23 3.93 8.17
N CYS D 17 -13.14 4.25 8.89
CA CYS D 17 -11.99 4.91 8.33
C CYS D 17 -11.79 4.58 6.89
N ALA D 18 -11.92 3.44 6.28
CA ALA D 18 -11.31 3.04 5.06
C ALA D 18 -12.41 3.11 4.03
N THR D 19 -13.55 3.62 4.45
CA THR D 19 -14.63 3.75 3.42
C THR D 19 -14.58 5.22 2.98
N ALA D 20 -14.23 6.00 3.98
CA ALA D 20 -14.07 7.41 4.02
C ALA D 20 -12.85 7.72 3.17
N LEU D 21 -11.76 7.07 3.62
CA LEU D 21 -10.43 7.27 3.05
C LEU D 21 -10.41 6.78 1.61
N GLU D 22 -11.43 6.09 1.12
CA GLU D 22 -11.28 5.25 -0.06
C GLU D 22 -12.21 5.87 -1.09
N GLU D 23 -13.28 6.47 -0.59
CA GLU D 23 -14.24 7.21 -1.41
C GLU D 23 -14.01 8.71 -1.59
N ALA D 24 -13.48 9.51 -0.64
CA ALA D 24 -12.46 10.50 -1.03
C ALA D 24 -11.34 9.72 -1.68
N GLY D 25 -10.82 9.89 -2.87
CA GLY D 25 -9.71 9.03 -3.30
C GLY D 25 -8.39 9.38 -2.63
N SER D 26 -8.41 9.61 -1.34
CA SER D 26 -7.31 9.69 -0.41
C SER D 26 -6.37 8.52 -0.61
N ASP D 27 -5.07 8.63 -0.31
CA ASP D 27 -4.30 7.39 -0.27
C ASP D 27 -3.54 7.21 1.05
N TYR D 28 -3.89 6.02 1.53
CA TYR D 28 -3.59 5.48 2.85
C TYR D 28 -2.95 4.10 2.64
N GLU D 29 -2.48 3.55 3.73
CA GLU D 29 -1.99 2.17 3.81
C GLU D 29 -2.38 1.66 5.19
N ILE D 30 -3.03 0.49 5.31
CA ILE D 30 -3.47 0.00 6.63
C ILE D 30 -2.25 -0.49 7.39
N VAL D 31 -2.11 -0.26 8.70
CA VAL D 31 -0.99 -0.87 9.41
C VAL D 31 -1.33 -1.61 10.70
N PRO D 32 -0.99 -2.91 10.83
CA PRO D 32 -1.65 -3.72 11.86
C PRO D 32 -0.97 -3.46 13.20
N ILE D 33 -1.76 -3.51 14.27
CA ILE D 33 -1.24 -3.21 15.60
C ILE D 33 -1.39 -4.47 16.43
N ASN D 34 -0.29 -5.12 16.81
CA ASN D 34 -0.34 -6.31 17.63
C ASN D 34 -1.00 -6.05 18.99
N PHE D 35 -2.28 -6.44 19.09
CA PHE D 35 -2.97 -6.66 20.33
C PHE D 35 -2.39 -7.74 21.24
N ALA D 36 -2.04 -8.89 20.65
CA ALA D 36 -1.31 -9.92 21.38
C ALA D 36 -0.19 -9.33 22.24
N THR D 37 0.62 -8.45 21.64
CA THR D 37 1.79 -7.90 22.30
C THR D 37 1.47 -6.64 23.07
N ALA D 38 0.20 -6.22 23.11
CA ALA D 38 -0.04 -4.78 23.31
C ALA D 38 0.89 -3.85 22.52
N GLU D 39 1.03 -3.97 21.21
CA GLU D 39 1.52 -2.86 20.36
C GLU D 39 0.78 -1.60 20.78
N HIS D 40 -0.55 -1.61 20.69
CA HIS D 40 -1.48 -0.54 20.93
C HIS D 40 -1.39 0.08 22.30
N LYS D 41 -0.55 -0.41 23.20
CA LYS D 41 -0.19 0.22 24.46
C LYS D 41 1.31 0.46 24.64
N SER D 42 2.09 0.26 23.58
CA SER D 42 3.45 0.82 23.58
C SER D 42 3.42 2.32 23.80
N PRO D 43 4.54 2.87 24.28
CA PRO D 43 4.73 4.33 24.37
C PRO D 43 4.92 4.83 22.95
N GLU D 44 5.55 4.03 22.08
CA GLU D 44 5.26 4.03 20.65
C GLU D 44 3.84 4.37 20.27
N HIS D 45 2.82 3.56 20.58
CA HIS D 45 1.48 3.82 20.05
C HIS D 45 0.82 4.97 20.79
N LEU D 46 1.24 5.18 22.03
CA LEU D 46 0.55 6.07 22.94
C LEU D 46 0.57 7.52 22.48
N VAL D 47 1.51 7.98 21.67
CA VAL D 47 1.44 9.21 20.90
C VAL D 47 0.54 9.17 19.67
N ARG D 48 0.38 8.09 18.93
CA ARG D 48 -0.69 8.03 17.94
C ARG D 48 -2.09 7.80 18.50
N ASN D 49 -2.25 7.40 19.75
CA ASN D 49 -3.54 7.34 20.40
C ASN D 49 -3.34 7.26 21.90
N PRO D 50 -3.59 8.41 22.52
CA PRO D 50 -3.33 8.56 23.95
C PRO D 50 -4.11 7.51 24.73
N PHE D 51 -5.22 6.99 24.19
CA PHE D 51 -6.06 6.17 25.06
C PHE D 51 -5.69 4.69 25.07
N GLY D 52 -5.83 3.93 23.99
CA GLY D 52 -4.62 3.23 23.50
C GLY D 52 -5.17 2.44 22.32
N GLN D 53 -6.25 2.89 21.74
CA GLN D 53 -7.01 2.14 20.75
C GLN D 53 -6.66 2.33 19.28
N VAL D 54 -7.46 1.65 18.44
CA VAL D 54 -7.38 1.91 17.01
C VAL D 54 -8.85 2.08 16.58
N PRO D 55 -9.03 2.50 15.32
CA PRO D 55 -7.93 3.08 14.56
C PRO D 55 -7.31 4.36 15.11
N ALA D 56 -6.18 4.71 14.54
CA ALA D 56 -5.52 6.02 14.71
C ALA D 56 -4.79 6.37 13.42
N LEU D 57 -5.13 7.50 12.78
CA LEU D 57 -4.51 7.96 11.56
C LEU D 57 -3.28 8.87 11.75
N GLN D 58 -2.35 8.70 10.79
CA GLN D 58 -1.14 9.53 10.77
C GLN D 58 -1.01 10.21 9.42
N ASP D 59 -1.30 11.52 9.42
CA ASP D 59 -1.18 12.34 8.23
C ASP D 59 0.16 13.11 8.35
N GLY D 60 1.22 12.55 7.78
CA GLY D 60 2.54 12.97 8.15
C GLY D 60 2.76 13.21 9.62
N ASP D 61 2.38 14.33 10.24
CA ASP D 61 2.83 14.58 11.61
C ASP D 61 1.55 14.92 12.38
N LEU D 62 0.48 14.80 11.60
CA LEU D 62 -0.85 14.83 12.25
C LEU D 62 -1.20 13.41 12.70
N TYR D 63 -1.45 13.27 14.02
CA TYR D 63 -2.15 12.11 14.55
C TYR D 63 -3.61 12.37 14.92
N LEU D 64 -4.41 11.58 14.19
CA LEU D 64 -5.84 11.59 14.45
C LEU D 64 -6.33 10.22 14.86
N PHE D 65 -7.39 10.29 15.66
CA PHE D 65 -8.11 9.05 15.99
C PHE D 65 -9.55 9.32 16.35
N GLU D 66 -10.12 8.29 16.95
CA GLU D 66 -11.56 8.08 16.98
C GLU D 66 -12.16 8.08 15.61
N SER D 67 -12.05 7.08 14.81
CA SER D 67 -12.55 6.71 13.52
C SER D 67 -13.57 7.63 12.87
N ARG D 68 -14.40 8.29 13.66
CA ARG D 68 -15.44 9.17 13.16
C ARG D 68 -14.85 10.58 12.97
N ALA D 69 -13.94 11.05 13.82
CA ALA D 69 -13.03 12.14 13.46
C ALA D 69 -12.17 11.69 12.30
N ILE D 70 -11.59 10.50 12.25
CA ILE D 70 -10.80 10.23 11.04
C ILE D 70 -11.67 10.37 9.81
N CYS D 71 -13.01 10.38 9.87
CA CYS D 71 -13.78 10.02 8.67
C CYS D 71 -14.06 11.37 7.97
N LYS D 72 -14.05 12.36 8.85
CA LYS D 72 -14.52 13.72 8.57
C LYS D 72 -13.30 14.40 7.94
N TYR D 73 -12.19 14.30 8.68
CA TYR D 73 -10.86 14.55 8.17
C TYR D 73 -10.61 13.96 6.81
N ALA D 74 -10.90 12.71 6.46
CA ALA D 74 -10.74 12.21 5.10
C ALA D 74 -11.59 13.01 4.12
N ALA D 75 -12.70 13.56 4.58
CA ALA D 75 -13.61 14.20 3.62
C ALA D 75 -13.19 15.68 3.56
N ARG D 76 -12.63 16.22 4.65
CA ARG D 76 -12.40 17.67 4.61
C ARG D 76 -10.98 17.94 4.18
N LYS D 77 -10.42 17.08 3.36
CA LYS D 77 -9.05 17.17 2.88
C LYS D 77 -9.03 16.61 1.46
N ASN D 78 -9.99 15.72 1.17
CA ASN D 78 -9.92 15.10 -0.15
C ASN D 78 -11.28 15.09 -0.81
N LYS D 79 -12.38 15.28 -0.08
CA LYS D 79 -13.66 15.27 -0.79
C LYS D 79 -14.68 15.95 0.09
N PRO D 80 -14.66 17.30 0.07
CA PRO D 80 -15.47 18.01 1.08
C PRO D 80 -16.86 18.19 0.50
N GLU D 81 -17.07 17.65 -0.69
CA GLU D 81 -18.37 17.24 -1.20
C GLU D 81 -18.95 16.23 -0.20
N LEU D 82 -18.14 15.36 0.43
CA LEU D 82 -18.66 14.42 1.41
C LEU D 82 -19.34 15.08 2.60
N LEU D 83 -18.76 16.15 3.17
CA LEU D 83 -19.34 16.77 4.35
C LEU D 83 -20.31 17.88 3.99
N ARG D 84 -20.38 18.10 2.69
CA ARG D 84 -21.24 19.19 2.20
C ARG D 84 -21.02 20.48 2.95
N GLU D 85 -19.78 20.85 3.24
CA GLU D 85 -19.41 22.02 4.01
C GLU D 85 -19.88 23.37 3.49
N GLY D 86 -19.83 23.57 2.18
CA GLY D 86 -20.63 24.54 1.47
C GLY D 86 -21.89 25.00 2.18
N ASN D 87 -22.98 24.26 1.97
CA ASN D 87 -24.29 24.73 2.46
C ASN D 87 -24.29 24.66 3.97
N LEU D 88 -25.15 25.34 4.68
CA LEU D 88 -25.14 25.36 6.14
C LEU D 88 -26.22 24.36 6.57
N GLU D 89 -27.39 24.51 5.95
CA GLU D 89 -28.43 23.51 6.12
C GLU D 89 -27.99 22.15 5.61
N GLU D 90 -27.45 22.01 4.40
CA GLU D 90 -27.03 20.69 3.95
C GLU D 90 -26.00 20.09 4.89
N ALA D 91 -25.11 20.87 5.48
CA ALA D 91 -24.11 20.33 6.39
C ALA D 91 -24.70 20.03 7.75
N ALA D 92 -25.80 20.64 8.19
CA ALA D 92 -26.36 20.28 9.50
C ALA D 92 -27.24 19.03 9.44
N MET D 93 -27.18 18.28 8.37
CA MET D 93 -28.10 17.23 7.98
C MET D 93 -27.27 15.98 7.71
N VAL D 94 -26.22 16.10 6.89
CA VAL D 94 -24.99 15.37 7.18
C VAL D 94 -24.65 15.29 8.64
N ASP D 95 -24.79 16.20 9.58
CA ASP D 95 -24.12 16.04 10.87
C ASP D 95 -25.07 15.18 11.71
N VAL D 96 -26.37 15.32 11.37
CA VAL D 96 -27.38 14.74 12.25
C VAL D 96 -27.36 13.22 12.10
N TRP D 97 -27.44 12.71 10.90
CA TRP D 97 -27.40 11.38 10.43
C TRP D 97 -26.01 10.79 10.52
N ILE D 98 -24.96 11.55 10.76
CA ILE D 98 -23.78 11.06 11.47
C ILE D 98 -24.02 10.71 12.93
N GLU D 99 -25.07 11.20 13.55
CA GLU D 99 -25.27 11.05 15.01
C GLU D 99 -26.25 9.90 15.15
N VAL D 100 -27.05 9.81 14.09
CA VAL D 100 -28.01 8.68 14.05
C VAL D 100 -27.15 7.43 14.00
N GLU D 101 -25.99 7.46 13.34
CA GLU D 101 -25.30 6.18 13.15
C GLU D 101 -24.72 5.80 14.52
N ALA D 102 -24.05 6.77 15.12
CA ALA D 102 -23.35 6.47 16.36
C ALA D 102 -24.32 6.18 17.49
N ASN D 103 -25.62 6.29 17.48
CA ASN D 103 -26.33 6.44 18.75
C ASN D 103 -27.74 5.94 18.41
N GLN D 104 -28.02 5.88 17.09
CA GLN D 104 -29.25 5.10 16.83
C GLN D 104 -28.92 3.77 16.22
N TYR D 105 -28.56 3.61 15.00
CA TYR D 105 -28.46 2.37 14.26
C TYR D 105 -27.43 1.43 14.85
N THR D 106 -26.15 1.74 14.64
CA THR D 106 -25.06 0.99 15.24
C THR D 106 -25.31 0.76 16.71
N ALA D 107 -26.01 1.61 17.47
CA ALA D 107 -26.10 1.30 18.89
C ALA D 107 -26.90 0.00 19.06
N ALA D 108 -27.92 -0.23 18.27
CA ALA D 108 -28.70 -1.44 18.17
C ALA D 108 -28.27 -2.42 17.09
N LEU D 109 -26.99 -2.57 16.84
CA LEU D 109 -26.49 -3.46 15.80
C LEU D 109 -25.22 -4.10 16.39
N ASN D 110 -24.71 -3.47 17.42
CA ASN D 110 -23.54 -3.93 18.11
C ASN D 110 -23.86 -5.12 18.97
N PRO D 111 -24.67 -5.00 20.01
CA PRO D 111 -25.15 -6.18 20.74
C PRO D 111 -25.46 -7.36 19.85
N ILE D 112 -26.36 -7.24 18.89
CA ILE D 112 -26.52 -8.18 17.80
C ILE D 112 -25.23 -8.74 17.26
N LEU D 113 -24.08 -8.12 17.22
CA LEU D 113 -22.95 -8.51 16.40
C LEU D 113 -21.95 -9.24 17.32
N PHE D 114 -21.79 -8.63 18.49
CA PHE D 114 -20.97 -9.19 19.57
C PHE D 114 -21.37 -10.57 20.05
N GLN D 115 -22.41 -10.88 20.79
CA GLN D 115 -23.20 -12.08 20.78
C GLN D 115 -23.29 -13.03 19.59
N VAL D 116 -23.79 -12.85 18.40
CA VAL D 116 -23.68 -13.68 17.24
C VAL D 116 -22.37 -13.65 16.47
N LEU D 117 -21.25 -13.05 16.93
CA LEU D 117 -20.00 -13.27 16.23
C LEU D 117 -18.80 -13.15 17.18
N ILE D 118 -18.84 -12.13 18.01
CA ILE D 118 -17.69 -11.95 18.89
C ILE D 118 -17.70 -13.03 19.96
N SER D 119 -18.78 -13.24 20.72
CA SER D 119 -18.77 -14.11 21.88
C SER D 119 -18.35 -15.52 21.47
N PRO D 120 -19.03 -16.03 20.44
CA PRO D 120 -18.69 -17.29 19.81
C PRO D 120 -17.21 -17.50 19.56
N MET D 121 -16.47 -16.48 19.15
CA MET D 121 -15.05 -16.71 18.82
C MET D 121 -14.19 -16.43 20.05
N LEU D 122 -14.75 -16.16 21.22
CA LEU D 122 -13.95 -16.06 22.44
C LEU D 122 -14.57 -17.02 23.45
N GLY D 123 -15.32 -17.97 22.86
CA GLY D 123 -15.79 -19.13 23.58
C GLY D 123 -17.12 -18.90 24.29
N GLY D 124 -17.64 -17.68 24.30
CA GLY D 124 -18.85 -17.43 25.10
C GLY D 124 -19.99 -18.03 24.29
N THR D 125 -21.21 -17.98 24.85
CA THR D 125 -22.24 -18.50 23.91
C THR D 125 -23.23 -17.40 23.59
N THR D 126 -23.74 -17.34 22.37
CA THR D 126 -24.69 -16.30 21.97
C THR D 126 -25.84 -16.10 22.91
N ASP D 127 -25.95 -15.37 24.00
CA ASP D 127 -27.17 -15.00 24.71
C ASP D 127 -28.26 -14.63 23.73
N GLN D 128 -29.55 -14.67 23.97
CA GLN D 128 -30.54 -14.37 22.95
C GLN D 128 -31.52 -13.37 23.52
N LYS D 129 -31.75 -13.44 24.86
CA LYS D 129 -32.29 -12.19 25.42
C LYS D 129 -31.53 -11.00 24.81
N VAL D 130 -30.21 -10.85 24.79
CA VAL D 130 -29.56 -9.75 24.03
C VAL D 130 -29.89 -9.78 22.54
N VAL D 131 -29.65 -10.84 21.74
CA VAL D 131 -29.93 -10.74 20.31
C VAL D 131 -31.36 -10.40 19.91
N ASP D 132 -32.33 -10.68 20.75
CA ASP D 132 -33.73 -10.57 20.30
C ASP D 132 -34.18 -9.17 20.68
N GLU D 133 -33.94 -8.69 21.88
CA GLU D 133 -34.40 -7.39 22.38
C GLU D 133 -33.90 -6.33 21.43
N ASN D 134 -32.58 -6.31 21.22
CA ASN D 134 -31.95 -5.37 20.31
C ASN D 134 -32.39 -5.58 18.88
N LEU D 135 -33.03 -6.63 18.37
CA LEU D 135 -33.40 -6.67 16.96
C LEU D 135 -34.84 -6.17 16.85
N GLU D 136 -35.50 -5.83 17.95
CA GLU D 136 -36.62 -4.91 17.99
C GLU D 136 -36.15 -3.45 18.11
N LYS D 137 -35.25 -3.14 19.04
CA LYS D 137 -34.50 -1.88 18.91
C LYS D 137 -34.07 -1.53 17.51
N LEU D 138 -33.31 -2.34 16.81
CA LEU D 138 -32.97 -2.07 15.43
C LEU D 138 -34.21 -2.01 14.56
N LYS D 139 -35.33 -2.68 14.85
CA LYS D 139 -36.37 -2.73 13.80
C LYS D 139 -37.19 -1.43 13.84
N LYS D 140 -37.13 -0.80 15.00
CA LYS D 140 -37.79 0.46 15.27
C LYS D 140 -37.04 1.52 14.47
N VAL D 141 -35.73 1.42 14.43
CA VAL D 141 -34.78 2.43 14.01
C VAL D 141 -34.82 2.53 12.48
N LEU D 142 -35.01 1.37 11.87
CA LEU D 142 -35.11 1.19 10.44
C LEU D 142 -36.54 1.53 10.00
N GLU D 143 -37.45 1.71 10.95
CA GLU D 143 -38.78 2.20 10.49
C GLU D 143 -38.60 3.66 10.04
N VAL D 144 -38.01 4.46 10.94
CA VAL D 144 -37.57 5.80 10.70
C VAL D 144 -36.74 5.94 9.44
N TYR D 145 -35.53 5.36 9.35
CA TYR D 145 -34.92 5.17 8.05
C TYR D 145 -35.86 4.90 6.88
N GLU D 146 -37.07 4.37 7.01
CA GLU D 146 -37.76 3.77 5.90
C GLU D 146 -38.47 4.91 5.17
N ALA D 147 -39.05 5.68 6.06
CA ALA D 147 -39.67 6.98 5.89
C ALA D 147 -38.68 7.93 5.22
N ARG D 148 -37.71 8.34 6.06
CA ARG D 148 -36.57 9.07 5.55
C ARG D 148 -36.08 8.65 4.18
N LEU D 149 -36.07 7.44 3.63
CA LEU D 149 -35.41 7.28 2.34
C LEU D 149 -36.48 6.88 1.31
N THR D 150 -37.72 7.01 1.75
CA THR D 150 -38.79 7.38 0.82
C THR D 150 -38.74 8.86 0.44
N LYS D 151 -39.03 9.71 1.44
CA LYS D 151 -38.90 11.14 1.29
C LYS D 151 -37.62 11.48 0.53
N CYS D 152 -36.47 11.38 1.19
CA CYS D 152 -35.25 11.92 0.55
C CYS D 152 -34.81 10.88 -0.46
N LYS D 153 -33.53 10.77 -0.72
CA LYS D 153 -33.06 9.79 -1.72
C LYS D 153 -31.74 9.26 -1.20
N TYR D 154 -31.15 9.98 -0.24
CA TYR D 154 -30.09 9.45 0.59
C TYR D 154 -30.33 9.96 2.00
N LEU D 155 -29.46 9.62 2.94
CA LEU D 155 -29.83 9.81 4.34
C LEU D 155 -29.93 11.30 4.64
N ALA D 156 -28.89 12.02 4.24
CA ALA D 156 -28.71 13.40 4.71
C ALA D 156 -29.36 14.44 3.78
N GLY D 157 -29.49 14.27 2.48
CA GLY D 157 -30.68 14.48 1.69
C GLY D 157 -30.42 13.78 0.36
N ASP D 158 -30.88 14.21 -0.81
CA ASP D 158 -30.68 13.55 -2.09
C ASP D 158 -29.26 13.66 -2.66
N PHE D 159 -28.26 13.95 -1.85
CA PHE D 159 -26.88 13.56 -2.07
C PHE D 159 -26.20 12.55 -1.15
N LEU D 160 -25.07 12.00 -1.66
CA LEU D 160 -24.31 10.95 -0.99
C LEU D 160 -23.44 11.59 0.06
N SER D 161 -23.81 11.72 1.31
CA SER D 161 -23.03 12.18 2.45
C SER D 161 -22.01 11.25 3.08
N LEU D 162 -21.30 11.62 4.15
CA LEU D 162 -20.36 10.84 4.91
C LEU D 162 -21.13 10.08 6.01
N ALA D 163 -22.35 10.54 6.24
CA ALA D 163 -23.28 9.90 7.14
C ALA D 163 -23.84 8.66 6.45
N ASP D 164 -24.05 8.68 5.13
CA ASP D 164 -24.21 7.36 4.45
C ASP D 164 -22.96 6.55 4.74
N LEU D 165 -21.76 7.03 4.46
CA LEU D 165 -20.64 6.15 4.13
C LEU D 165 -20.26 5.46 5.44
N ASN D 166 -20.23 6.16 6.56
CA ASN D 166 -20.11 5.65 7.91
C ASN D 166 -20.87 4.40 8.34
N HIS D 167 -21.93 4.06 7.65
CA HIS D 167 -22.81 2.94 7.89
C HIS D 167 -22.24 1.62 7.37
N VAL D 168 -21.25 1.59 6.52
CA VAL D 168 -20.93 0.44 5.66
C VAL D 168 -20.24 -0.63 6.44
N SER D 169 -19.15 -0.38 7.14
CA SER D 169 -18.47 -1.37 7.96
C SER D 169 -19.38 -2.23 8.83
N VAL D 170 -20.30 -1.66 9.63
CA VAL D 170 -21.13 -2.51 10.46
C VAL D 170 -22.28 -3.08 9.63
N THR D 171 -22.58 -2.53 8.46
CA THR D 171 -23.79 -3.12 7.85
C THR D 171 -23.37 -4.29 6.99
N LEU D 172 -22.07 -4.38 6.81
CA LEU D 172 -21.41 -5.43 6.04
C LEU D 172 -21.27 -6.71 6.87
N CYS D 173 -20.79 -6.48 8.09
CA CYS D 173 -20.84 -7.42 9.18
C CYS D 173 -22.22 -7.96 9.44
N LEU D 174 -23.28 -7.22 9.74
CA LEU D 174 -24.62 -7.73 9.56
C LEU D 174 -24.84 -8.63 8.34
N PHE D 175 -24.23 -8.56 7.18
CA PHE D 175 -24.62 -9.39 6.05
C PHE D 175 -23.94 -10.75 6.13
N ALA D 176 -23.21 -11.00 7.21
CA ALA D 176 -22.52 -12.24 7.49
C ALA D 176 -23.18 -13.01 8.64
N THR D 177 -24.32 -12.57 9.10
CA THR D 177 -25.23 -13.36 9.90
C THR D 177 -26.44 -13.60 9.04
N PRO D 178 -27.39 -14.38 9.52
CA PRO D 178 -28.72 -14.47 8.94
C PRO D 178 -29.59 -13.26 9.20
N TYR D 179 -29.17 -12.35 10.06
CA TYR D 179 -30.03 -11.27 10.52
C TYR D 179 -30.17 -10.12 9.53
N ALA D 180 -29.17 -9.80 8.71
CA ALA D 180 -29.30 -9.21 7.41
C ALA D 180 -30.56 -9.40 6.61
N SER D 181 -31.52 -10.28 6.77
CA SER D 181 -32.73 -10.20 5.91
C SER D 181 -33.82 -9.46 6.65
N VAL D 182 -33.53 -8.56 7.57
CA VAL D 182 -34.55 -7.67 8.10
C VAL D 182 -34.60 -6.39 7.29
N LEU D 183 -33.48 -6.04 6.64
CA LEU D 183 -33.55 -4.99 5.63
C LEU D 183 -34.76 -5.17 4.75
N ASP D 184 -35.18 -6.39 4.42
CA ASP D 184 -35.98 -6.69 3.25
C ASP D 184 -37.43 -6.50 3.66
N ALA D 185 -37.60 -6.17 4.94
CA ALA D 185 -38.84 -5.73 5.54
C ALA D 185 -39.16 -4.32 5.04
N TYR D 186 -38.09 -3.63 4.71
CA TYR D 186 -38.10 -2.19 4.47
C TYR D 186 -37.47 -1.87 3.12
N PRO D 187 -38.29 -1.65 2.08
CA PRO D 187 -37.74 -1.64 0.72
C PRO D 187 -36.94 -0.40 0.35
N HIS D 188 -37.05 0.65 1.18
CA HIS D 188 -36.24 1.84 0.91
C HIS D 188 -34.85 1.65 1.49
N VAL D 189 -34.70 1.28 2.75
CA VAL D 189 -33.41 0.77 3.25
C VAL D 189 -32.70 -0.33 2.50
N LYS D 190 -33.38 -1.26 1.85
CA LYS D 190 -32.59 -2.29 1.15
C LYS D 190 -32.24 -1.85 -0.26
N ALA D 191 -33.02 -0.97 -0.88
CA ALA D 191 -32.58 -0.44 -2.19
C ALA D 191 -31.46 0.56 -1.94
N TRP D 192 -31.60 1.37 -0.89
CA TRP D 192 -30.46 2.12 -0.37
C TRP D 192 -29.25 1.20 -0.29
N TRP D 193 -29.35 0.07 0.43
CA TRP D 193 -28.05 -0.51 0.82
C TRP D 193 -27.38 -1.14 -0.39
N SER D 194 -28.16 -1.52 -1.40
CA SER D 194 -27.66 -2.44 -2.42
C SER D 194 -26.85 -1.59 -3.39
N GLY D 195 -27.42 -0.40 -3.62
CA GLY D 195 -26.87 0.53 -4.61
C GLY D 195 -25.65 1.22 -4.01
N LEU D 196 -25.78 1.56 -2.73
CA LEU D 196 -24.68 1.79 -1.82
C LEU D 196 -23.58 0.75 -1.82
N MET D 197 -23.85 -0.51 -2.09
CA MET D 197 -22.84 -1.56 -2.24
C MET D 197 -22.30 -1.64 -3.65
N GLU D 198 -22.98 -0.99 -4.60
CA GLU D 198 -22.46 -0.86 -5.95
C GLU D 198 -21.44 0.27 -6.08
N ARG D 199 -21.28 1.18 -5.13
CA ARG D 199 -20.02 1.90 -5.00
C ARG D 199 -18.77 1.01 -4.92
N PRO D 200 -17.84 1.27 -5.84
CA PRO D 200 -16.51 0.72 -5.77
C PRO D 200 -15.79 1.04 -4.47
N SER D 201 -16.17 2.07 -3.71
CA SER D 201 -15.51 2.30 -2.43
C SER D 201 -15.88 1.23 -1.41
N VAL D 202 -17.18 1.12 -1.16
CA VAL D 202 -17.72 0.12 -0.25
C VAL D 202 -17.34 -1.27 -0.77
N GLN D 203 -17.50 -1.49 -2.08
CA GLN D 203 -17.06 -2.72 -2.73
C GLN D 203 -15.64 -3.16 -2.43
N LYS D 204 -14.71 -2.33 -2.05
CA LYS D 204 -13.34 -2.71 -1.76
C LYS D 204 -13.12 -2.80 -0.25
N VAL D 205 -14.02 -2.22 0.54
CA VAL D 205 -13.93 -2.39 1.99
C VAL D 205 -14.35 -3.79 2.47
N ALA D 206 -15.26 -4.42 1.78
CA ALA D 206 -15.68 -5.77 1.78
C ALA D 206 -14.73 -6.80 1.19
N ALA D 207 -13.55 -6.39 0.76
CA ALA D 207 -12.43 -7.30 0.64
C ALA D 207 -11.43 -7.02 1.75
N LEU D 208 -11.68 -5.97 2.54
CA LEU D 208 -10.89 -5.83 3.77
C LEU D 208 -11.33 -6.80 4.85
N MET D 209 -12.59 -6.96 5.25
CA MET D 209 -12.83 -7.72 6.49
C MET D 209 -13.27 -9.14 6.09
N LYS D 210 -13.91 -9.16 4.92
CA LYS D 210 -14.68 -10.31 4.48
C LYS D 210 -13.89 -11.56 4.16
N PRO D 211 -12.65 -11.44 3.74
CA PRO D 211 -11.75 -12.58 3.62
C PRO D 211 -11.24 -13.02 4.98
N SER D 212 -11.31 -14.33 5.19
CA SER D 212 -11.15 -15.07 6.42
C SER D 212 -12.27 -14.91 7.42
N ALA D 213 -13.40 -14.32 7.02
CA ALA D 213 -14.54 -14.20 7.93
C ALA D 213 -15.64 -15.17 7.54
#